data_4RZ5
#
_entry.id   4RZ5
#
_cell.length_a   66.760
_cell.length_b   90.240
_cell.length_c   131.890
_cell.angle_alpha   90.00
_cell.angle_beta   90.00
_cell.angle_gamma   90.00
#
_symmetry.space_group_name_H-M   'P 21 21 21'
#
loop_
_entity.id
_entity.type
_entity.pdbx_description
1 polymer 'Transaldolase B'
2 non-polymer 'SULFATE ION'
3 water water
#
_entity_poly.entity_id   1
_entity_poly.type   'polypeptide(L)'
_entity_poly.pdbx_seq_one_letter_code
;MGSSHHHHHHSSGLVPRGSHMTDKLTSLRQYTTVVADTGDIAAMKLYQPQDATTNPSLILNAAQIPEYRKLIDDAVAWAK
QQSNDRAQQIVDATDKLAVNIGLEILKLVPGRISTQVDARLSYDTEASIAKAKRLIKLYNDAGISNDRILIKLASTWQGI
RAAEQLEKEGINCNLTLLFSFAQARACAEAGVFLISPFVGRILDWYKANTDKKEYAPAEDPGVVSVSEIYQYYKEHGYET
VVMGASFRNIGEILELAGCDRLTIAPTLLKELAESEGAIERKLSYTGEVKARPARITESEFLWQHNQDPMAVDKLAEGIR
KFAIDQEKLEKMIGDLL
;
_entity_poly.pdbx_strand_id   A,B
#
loop_
_chem_comp.id
_chem_comp.type
_chem_comp.name
_chem_comp.formula
SO4 non-polymer 'SULFATE ION' 'O4 S -2'
#
# COMPACT_ATOMS: atom_id res chain seq x y z
N THR A 22 -41.93 -18.72 -7.60
CA THR A 22 -40.65 -19.15 -8.24
C THR A 22 -39.41 -18.74 -7.40
N ASP A 23 -38.26 -18.49 -8.04
CA ASP A 23 -36.97 -18.57 -7.34
C ASP A 23 -36.22 -17.23 -7.28
N LYS A 24 -35.24 -17.15 -6.37
CA LYS A 24 -34.54 -15.89 -6.11
C LYS A 24 -33.61 -15.44 -7.23
N LEU A 25 -33.09 -16.39 -8.02
CA LEU A 25 -32.25 -16.02 -9.16
C LEU A 25 -33.08 -15.31 -10.22
N THR A 26 -34.22 -15.88 -10.57
CA THR A 26 -35.16 -15.24 -11.46
C THR A 26 -35.59 -13.86 -10.93
N SER A 27 -35.84 -13.76 -9.63
CA SER A 27 -36.32 -12.54 -9.04
C SER A 27 -35.23 -11.47 -9.11
N LEU A 28 -34.01 -11.87 -8.79
CA LEU A 28 -32.82 -10.97 -8.86
C LEU A 28 -32.62 -10.40 -10.26
N ARG A 29 -32.84 -11.25 -11.25
CA ARG A 29 -32.67 -10.87 -12.65
C ARG A 29 -33.66 -9.79 -13.12
N GLN A 30 -34.74 -9.57 -12.38
CA GLN A 30 -35.63 -8.42 -12.67
C GLN A 30 -34.88 -7.07 -12.51
N TYR A 31 -33.91 -7.04 -11.60
CA TYR A 31 -33.28 -5.79 -11.14
C TYR A 31 -31.83 -5.63 -11.58
N THR A 32 -31.16 -6.75 -11.81
CA THR A 32 -29.69 -6.81 -11.94
C THR A 32 -29.29 -7.78 -13.07
N THR A 33 -28.32 -7.39 -13.90
CA THR A 33 -27.78 -8.30 -14.88
C THR A 33 -26.86 -9.30 -14.18
N VAL A 34 -27.21 -10.57 -14.29
CA VAL A 34 -26.44 -11.61 -13.68
C VAL A 34 -25.31 -12.10 -14.59
N VAL A 35 -24.13 -12.15 -14.00
CA VAL A 35 -22.88 -12.51 -14.65
C VAL A 35 -22.31 -13.73 -13.93
N ALA A 36 -21.76 -14.68 -14.68
CA ALA A 36 -21.19 -15.89 -14.07
C ALA A 36 -19.70 -15.73 -13.83
N ASP A 37 -19.31 -15.97 -12.57
CA ASP A 37 -17.91 -15.90 -12.16
C ASP A 37 -17.26 -17.30 -12.18
N THR A 38 -16.79 -17.69 -13.37
CA THR A 38 -16.20 -19.00 -13.57
C THR A 38 -15.68 -19.15 -15.00
N GLY A 39 -14.67 -20.01 -15.17
CA GLY A 39 -14.15 -20.39 -16.50
C GLY A 39 -14.81 -21.63 -17.08
N ASP A 40 -15.80 -22.16 -16.36
CA ASP A 40 -16.44 -23.45 -16.70
C ASP A 40 -17.66 -23.27 -17.61
N ILE A 41 -17.56 -23.75 -18.86
CA ILE A 41 -18.68 -23.64 -19.80
C ILE A 41 -19.97 -24.33 -19.31
N ALA A 42 -19.85 -25.35 -18.45
CA ALA A 42 -21.03 -26.05 -17.88
C ALA A 42 -21.99 -25.07 -17.18
N ALA A 43 -21.42 -24.12 -16.45
CA ALA A 43 -22.20 -23.10 -15.76
C ALA A 43 -22.89 -22.15 -16.74
N MET A 44 -22.26 -21.86 -17.87
CA MET A 44 -22.86 -20.97 -18.85
C MET A 44 -24.11 -21.63 -19.42
N LYS A 45 -24.01 -22.93 -19.70
CA LYS A 45 -25.16 -23.69 -20.20
C LYS A 45 -26.30 -23.76 -19.17
N LEU A 46 -25.95 -24.01 -17.92
CA LEU A 46 -26.96 -24.16 -16.87
C LEU A 46 -27.67 -22.84 -16.52
N TYR A 47 -26.92 -21.75 -16.32
CA TYR A 47 -27.52 -20.50 -15.81
C TYR A 47 -27.82 -19.42 -16.87
N GLN A 48 -27.29 -19.61 -18.08
CA GLN A 48 -27.46 -18.65 -19.18
C GLN A 48 -27.20 -17.18 -18.75
N PRO A 49 -25.98 -16.90 -18.27
CA PRO A 49 -25.70 -15.53 -17.85
C PRO A 49 -25.51 -14.61 -19.06
N GLN A 50 -25.64 -13.32 -18.83
CA GLN A 50 -25.42 -12.34 -19.88
C GLN A 50 -23.93 -12.21 -20.23
N ASP A 51 -23.09 -12.12 -19.19
CA ASP A 51 -21.62 -11.99 -19.28
C ASP A 51 -20.98 -13.08 -18.43
N ALA A 52 -19.68 -13.25 -18.56
CA ALA A 52 -18.90 -14.09 -17.68
C ALA A 52 -17.59 -13.39 -17.28
N THR A 53 -17.07 -13.72 -16.10
CA THR A 53 -15.75 -13.22 -15.66
C THR A 53 -14.83 -14.40 -15.34
N THR A 54 -13.59 -14.28 -15.79
CA THR A 54 -12.50 -15.13 -15.38
C THR A 54 -11.43 -14.28 -14.73
N ASN A 55 -10.48 -14.96 -14.10
CA ASN A 55 -9.31 -14.31 -13.52
C ASN A 55 -8.22 -15.40 -13.49
N PRO A 56 -6.97 -15.04 -13.16
CA PRO A 56 -5.87 -16.01 -13.29
C PRO A 56 -6.06 -17.26 -12.45
N SER A 57 -6.69 -17.09 -11.29
CA SER A 57 -7.03 -18.21 -10.42
CA SER A 57 -7.01 -18.22 -10.42
C SER A 57 -8.06 -19.12 -11.06
N LEU A 58 -9.12 -18.54 -11.63
CA LEU A 58 -10.16 -19.30 -12.34
C LEU A 58 -9.66 -19.92 -13.64
N ILE A 59 -8.68 -19.27 -14.28
CA ILE A 59 -8.01 -19.87 -15.44
C ILE A 59 -7.20 -21.09 -15.00
N LEU A 60 -6.44 -20.93 -13.92
CA LEU A 60 -5.65 -22.05 -13.37
C LEU A 60 -6.58 -23.21 -13.08
N ASN A 61 -7.70 -22.91 -12.40
CA ASN A 61 -8.68 -23.95 -12.07
C ASN A 61 -9.29 -24.61 -13.29
N ALA A 62 -9.70 -23.81 -14.28
CA ALA A 62 -10.32 -24.34 -15.50
C ALA A 62 -9.36 -25.21 -16.29
N ALA A 63 -8.07 -24.86 -16.25
CA ALA A 63 -7.02 -25.65 -16.90
C ALA A 63 -6.92 -27.08 -16.34
N GLN A 64 -7.53 -27.32 -15.18
CA GLN A 64 -7.64 -28.67 -14.60
C GLN A 64 -8.85 -29.48 -15.13
N ILE A 65 -9.78 -28.87 -15.84
CA ILE A 65 -10.97 -29.58 -16.38
C ILE A 65 -10.55 -30.46 -17.56
N PRO A 66 -10.75 -31.79 -17.47
CA PRO A 66 -10.33 -32.72 -18.53
C PRO A 66 -10.72 -32.34 -19.97
N GLU A 67 -11.92 -31.80 -20.15
CA GLU A 67 -12.42 -31.43 -21.49
CA GLU A 67 -12.43 -31.43 -21.48
C GLU A 67 -11.77 -30.15 -22.01
N TYR A 68 -11.00 -29.48 -21.14
CA TYR A 68 -10.22 -28.31 -21.52
C TYR A 68 -8.79 -28.65 -21.95
N ARG A 69 -8.44 -29.94 -21.95
CA ARG A 69 -7.09 -30.35 -22.35
C ARG A 69 -6.79 -29.88 -23.78
N LYS A 70 -7.79 -29.99 -24.64
CA LYS A 70 -7.71 -29.55 -26.03
CA LYS A 70 -7.72 -29.53 -26.02
C LYS A 70 -7.26 -28.08 -26.13
N LEU A 71 -7.80 -27.23 -25.25
CA LEU A 71 -7.47 -25.81 -25.26
C LEU A 71 -6.03 -25.54 -24.88
N ILE A 72 -5.54 -26.27 -23.90
CA ILE A 72 -4.16 -26.15 -23.45
C ILE A 72 -3.23 -26.58 -24.56
N ASP A 73 -3.59 -27.68 -25.22
CA ASP A 73 -2.78 -28.20 -26.31
C ASP A 73 -2.74 -27.26 -27.48
N ASP A 74 -3.87 -26.63 -27.78
CA ASP A 74 -3.92 -25.64 -28.87
C ASP A 74 -3.05 -24.46 -28.54
N ALA A 75 -3.12 -23.99 -27.29
CA ALA A 75 -2.29 -22.88 -26.83
C ALA A 75 -0.80 -23.15 -26.99
N VAL A 76 -0.39 -24.34 -26.56
CA VAL A 76 1.02 -24.75 -26.66
C VAL A 76 1.40 -24.85 -28.14
N ALA A 77 0.55 -25.50 -28.94
CA ALA A 77 0.80 -25.65 -30.37
C ALA A 77 0.94 -24.30 -31.05
N TRP A 78 0.00 -23.39 -30.72
CA TRP A 78 0.04 -22.01 -31.18
C TRP A 78 1.35 -21.31 -30.74
N ALA A 79 1.68 -21.40 -29.45
CA ALA A 79 2.90 -20.78 -28.96
C ALA A 79 4.15 -21.27 -29.71
N LYS A 80 4.18 -22.57 -30.00
CA LYS A 80 5.31 -23.15 -30.71
C LYS A 80 5.43 -22.66 -32.16
N GLN A 81 4.32 -22.22 -32.74
CA GLN A 81 4.36 -21.64 -34.07
C GLN A 81 4.90 -20.20 -34.06
N GLN A 82 4.81 -19.51 -32.93
CA GLN A 82 5.16 -18.07 -32.88
C GLN A 82 6.65 -17.82 -32.70
N SER A 83 7.34 -18.73 -32.01
CA SER A 83 8.78 -18.55 -31.75
C SER A 83 9.41 -19.86 -31.36
N ASN A 84 10.74 -19.88 -31.41
CA ASN A 84 11.54 -21.01 -30.94
C ASN A 84 12.17 -20.72 -29.57
N ASP A 85 11.71 -19.64 -28.92
CA ASP A 85 12.23 -19.19 -27.62
C ASP A 85 11.41 -19.74 -26.43
N ARG A 86 12.06 -20.46 -25.50
CA ARG A 86 11.31 -21.04 -24.36
C ARG A 86 10.49 -20.01 -23.56
N ALA A 87 11.14 -18.94 -23.13
CA ALA A 87 10.48 -17.90 -22.32
C ALA A 87 9.25 -17.30 -23.02
N GLN A 88 9.41 -16.96 -24.29
CA GLN A 88 8.31 -16.39 -25.07
C GLN A 88 7.16 -17.36 -25.30
N GLN A 89 7.49 -18.63 -25.53
CA GLN A 89 6.50 -19.68 -25.68
C GLN A 89 5.66 -19.82 -24.41
N ILE A 90 6.29 -19.70 -23.26
CA ILE A 90 5.57 -19.83 -22.00
C ILE A 90 4.57 -18.70 -21.90
N VAL A 91 5.01 -17.47 -22.21
CA VAL A 91 4.14 -16.30 -22.22
C VAL A 91 3.02 -16.42 -23.28
N ASP A 92 3.39 -16.80 -24.50
CA ASP A 92 2.39 -16.93 -25.58
C ASP A 92 1.36 -18.00 -25.25
N ALA A 93 1.81 -19.09 -24.63
CA ALA A 93 0.94 -20.21 -24.37
C ALA A 93 -0.02 -19.85 -23.27
N THR A 94 0.45 -19.13 -22.24
CA THR A 94 -0.42 -18.77 -21.13
C THR A 94 -1.48 -17.78 -21.61
N ASP A 95 -1.06 -16.84 -22.44
CA ASP A 95 -1.99 -15.86 -23.00
C ASP A 95 -3.05 -16.48 -23.92
N LYS A 96 -2.62 -17.40 -24.76
CA LYS A 96 -3.51 -18.03 -25.71
C LYS A 96 -4.47 -18.98 -25.02
N LEU A 97 -4.03 -19.59 -23.91
CA LEU A 97 -4.93 -20.42 -23.10
C LEU A 97 -6.06 -19.57 -22.53
N ALA A 98 -5.71 -18.48 -21.88
CA ALA A 98 -6.72 -17.59 -21.31
C ALA A 98 -7.72 -17.11 -22.35
N VAL A 99 -7.22 -16.77 -23.53
CA VAL A 99 -8.08 -16.34 -24.64
C VAL A 99 -8.90 -17.50 -25.19
N ASN A 100 -8.29 -18.68 -25.32
CA ASN A 100 -9.07 -19.87 -25.76
C ASN A 100 -10.25 -20.16 -24.84
N ILE A 101 -10.02 -20.10 -23.53
CA ILE A 101 -11.11 -20.28 -22.55
C ILE A 101 -12.20 -19.21 -22.73
N GLY A 102 -11.79 -17.96 -22.88
CA GLY A 102 -12.73 -16.90 -23.21
C GLY A 102 -13.52 -17.15 -24.48
N LEU A 103 -12.86 -17.66 -25.53
CA LEU A 103 -13.55 -17.97 -26.80
C LEU A 103 -14.66 -19.01 -26.64
N GLU A 104 -14.39 -20.05 -25.85
CA GLU A 104 -15.38 -21.09 -25.60
C GLU A 104 -16.57 -20.49 -24.84
N ILE A 105 -16.29 -19.60 -23.89
CA ILE A 105 -17.36 -18.95 -23.11
C ILE A 105 -18.23 -18.04 -23.97
N LEU A 106 -17.60 -17.29 -24.87
CA LEU A 106 -18.35 -16.42 -25.78
C LEU A 106 -19.34 -17.17 -26.71
N LYS A 107 -19.12 -18.45 -26.95
CA LYS A 107 -20.08 -19.25 -27.75
C LYS A 107 -21.42 -19.45 -27.02
N LEU A 108 -21.39 -19.31 -25.69
CA LEU A 108 -22.52 -19.60 -24.80
C LEU A 108 -23.06 -18.41 -24.00
N VAL A 109 -22.41 -17.25 -24.13
CA VAL A 109 -22.89 -16.03 -23.49
C VAL A 109 -22.95 -14.93 -24.53
N PRO A 110 -24.03 -14.14 -24.52
CA PRO A 110 -24.24 -13.11 -25.52
C PRO A 110 -23.50 -11.79 -25.28
N GLY A 111 -23.00 -11.60 -24.06
CA GLY A 111 -22.36 -10.33 -23.65
C GLY A 111 -20.85 -10.44 -23.59
N ARG A 112 -20.28 -9.96 -22.49
CA ARG A 112 -18.84 -9.83 -22.33
C ARG A 112 -18.18 -11.05 -21.70
N ILE A 113 -16.92 -11.24 -22.06
CA ILE A 113 -15.98 -12.04 -21.30
C ILE A 113 -14.94 -11.08 -20.67
N SER A 114 -14.64 -11.27 -19.39
CA SER A 114 -13.50 -10.62 -18.76
C SER A 114 -12.28 -11.53 -18.65
N THR A 115 -11.15 -11.03 -19.11
CA THR A 115 -9.89 -11.72 -19.11
C THR A 115 -8.87 -10.79 -18.45
N GLN A 116 -8.21 -11.27 -17.42
CA GLN A 116 -7.30 -10.48 -16.64
C GLN A 116 -5.87 -10.47 -17.15
N VAL A 117 -5.25 -9.28 -17.22
CA VAL A 117 -3.83 -9.21 -17.48
C VAL A 117 -2.94 -9.80 -16.34
N ASP A 118 -1.76 -10.26 -16.70
CA ASP A 118 -0.72 -10.67 -15.73
C ASP A 118 -0.60 -9.69 -14.56
N ALA A 119 -0.95 -10.16 -13.37
CA ALA A 119 -0.96 -9.31 -12.16
C ALA A 119 0.41 -8.76 -11.76
N ARG A 120 1.47 -9.40 -12.26
CA ARG A 120 2.83 -8.93 -12.02
C ARG A 120 3.07 -7.56 -12.67
N LEU A 121 2.16 -7.16 -13.55
CA LEU A 121 2.24 -5.88 -14.25
C LEU A 121 1.42 -4.77 -13.57
N SER A 122 0.82 -5.06 -12.42
CA SER A 122 -0.18 -4.18 -11.81
C SER A 122 0.31 -2.76 -11.42
N TYR A 123 1.62 -2.57 -11.23
CA TYR A 123 2.19 -1.27 -10.88
C TYR A 123 2.99 -0.69 -12.02
N ASP A 124 2.76 -1.19 -13.25
CA ASP A 124 3.44 -0.74 -14.48
C ASP A 124 2.39 -0.41 -15.55
N THR A 125 2.12 0.88 -15.74
CA THR A 125 1.10 1.32 -16.69
C THR A 125 1.44 0.91 -18.12
N GLU A 126 2.67 1.19 -18.57
CA GLU A 126 3.03 0.92 -19.94
C GLU A 126 2.94 -0.57 -20.28
N ALA A 127 3.41 -1.41 -19.36
CA ALA A 127 3.39 -2.85 -19.57
C ALA A 127 1.95 -3.40 -19.59
N SER A 128 1.08 -2.83 -18.76
CA SER A 128 -0.33 -3.23 -18.66
C SER A 128 -1.08 -2.89 -19.94
N ILE A 129 -0.83 -1.68 -20.46
CA ILE A 129 -1.36 -1.24 -21.76
C ILE A 129 -0.93 -2.20 -22.88
N ALA A 130 0.38 -2.54 -22.92
CA ALA A 130 0.89 -3.47 -23.92
C ALA A 130 0.28 -4.87 -23.79
N LYS A 131 0.16 -5.39 -22.56
CA LYS A 131 -0.42 -6.72 -22.37
C LYS A 131 -1.93 -6.73 -22.77
N ALA A 132 -2.67 -5.68 -22.41
CA ALA A 132 -4.06 -5.57 -22.78
C ALA A 132 -4.23 -5.60 -24.29
N LYS A 133 -3.40 -4.85 -24.99
CA LYS A 133 -3.49 -4.82 -26.44
C LYS A 133 -3.13 -6.16 -27.08
N ARG A 134 -2.23 -6.89 -26.45
CA ARG A 134 -1.83 -8.21 -26.93
C ARG A 134 -2.99 -9.18 -26.79
N LEU A 135 -3.67 -9.16 -25.64
CA LEU A 135 -4.86 -10.00 -25.43
C LEU A 135 -5.97 -9.67 -26.42
N ILE A 136 -6.22 -8.36 -26.59
CA ILE A 136 -7.18 -7.84 -27.59
C ILE A 136 -6.84 -8.29 -29.01
N LYS A 137 -5.59 -8.20 -29.43
CA LYS A 137 -5.17 -8.73 -30.74
C LYS A 137 -5.51 -10.21 -30.94
N LEU A 138 -5.22 -11.03 -29.93
CA LEU A 138 -5.50 -12.48 -29.98
C LEU A 138 -7.02 -12.74 -30.14
N TYR A 139 -7.85 -11.98 -29.44
CA TYR A 139 -9.29 -12.08 -29.61
C TYR A 139 -9.74 -11.62 -31.00
N ASN A 140 -9.26 -10.46 -31.40
CA ASN A 140 -9.56 -9.93 -32.72
C ASN A 140 -9.15 -10.91 -33.81
N ASP A 141 -7.95 -11.49 -33.72
CA ASP A 141 -7.51 -12.46 -34.73
C ASP A 141 -8.38 -13.73 -34.76
N ALA A 142 -9.01 -14.07 -33.63
CA ALA A 142 -9.98 -15.16 -33.53
C ALA A 142 -11.41 -14.77 -34.01
N GLY A 143 -11.58 -13.51 -34.42
CA GLY A 143 -12.81 -13.02 -35.01
C GLY A 143 -13.75 -12.34 -34.02
N ILE A 144 -13.25 -12.00 -32.83
CA ILE A 144 -14.07 -11.40 -31.80
C ILE A 144 -13.76 -9.89 -31.70
N SER A 145 -14.82 -9.09 -31.72
CA SER A 145 -14.71 -7.64 -31.61
CA SER A 145 -14.70 -7.65 -31.61
C SER A 145 -14.59 -7.17 -30.17
N ASN A 146 -14.09 -5.96 -30.01
CA ASN A 146 -13.84 -5.36 -28.69
C ASN A 146 -15.09 -5.17 -27.83
N ASP A 147 -16.25 -5.09 -28.47
CA ASP A 147 -17.48 -4.91 -27.71
C ASP A 147 -17.94 -6.19 -26.97
N ARG A 148 -17.22 -7.29 -27.17
CA ARG A 148 -17.47 -8.55 -26.46
C ARG A 148 -16.46 -8.83 -25.35
N ILE A 149 -15.49 -7.94 -25.15
CA ILE A 149 -14.36 -8.20 -24.26
C ILE A 149 -14.22 -7.12 -23.20
N LEU A 150 -13.89 -7.54 -21.99
CA LEU A 150 -13.38 -6.60 -20.99
C LEU A 150 -12.00 -7.10 -20.58
N ILE A 151 -11.02 -6.22 -20.62
CA ILE A 151 -9.69 -6.53 -20.06
C ILE A 151 -9.69 -6.15 -18.59
N LYS A 152 -9.41 -7.13 -17.75
CA LYS A 152 -9.37 -6.87 -16.32
C LYS A 152 -8.01 -6.39 -15.88
N LEU A 153 -7.99 -5.31 -15.11
CA LEU A 153 -6.74 -4.80 -14.48
C LEU A 153 -7.00 -4.52 -13.01
N ALA A 154 -5.99 -4.76 -12.18
CA ALA A 154 -6.08 -4.39 -10.76
C ALA A 154 -6.19 -2.84 -10.65
N SER A 155 -7.04 -2.37 -9.75
CA SER A 155 -7.31 -0.92 -9.65
CA SER A 155 -7.30 -0.92 -9.63
C SER A 155 -6.29 -0.16 -8.79
N THR A 156 -5.00 -0.36 -9.09
CA THR A 156 -3.95 0.49 -8.57
C THR A 156 -3.99 1.79 -9.40
N TRP A 157 -3.30 2.83 -8.94
CA TRP A 157 -3.18 4.04 -9.75
C TRP A 157 -2.71 3.73 -11.16
N GLN A 158 -1.70 2.88 -11.26
CA GLN A 158 -1.10 2.48 -12.53
C GLN A 158 -2.11 1.75 -13.42
N GLY A 159 -2.97 0.90 -12.87
CA GLY A 159 -3.98 0.19 -13.66
C GLY A 159 -5.10 1.08 -14.11
N ILE A 160 -5.48 2.04 -13.26
CA ILE A 160 -6.47 3.01 -13.60
C ILE A 160 -5.97 3.90 -14.75
N ARG A 161 -4.71 4.29 -14.67
CA ARG A 161 -4.11 5.10 -15.76
C ARG A 161 -4.04 4.29 -17.04
N ALA A 162 -3.64 3.03 -16.94
CA ALA A 162 -3.67 2.13 -18.08
C ALA A 162 -5.05 2.04 -18.71
N ALA A 163 -6.07 1.84 -17.88
CA ALA A 163 -7.46 1.75 -18.33
C ALA A 163 -7.91 3.02 -19.04
N GLU A 164 -7.60 4.18 -18.45
CA GLU A 164 -7.95 5.47 -19.05
C GLU A 164 -7.48 5.55 -20.49
N GLN A 165 -6.22 5.15 -20.74
CA GLN A 165 -5.68 5.19 -22.08
C GLN A 165 -6.37 4.13 -22.97
N LEU A 166 -6.51 2.93 -22.46
CA LEU A 166 -7.14 1.85 -23.22
C LEU A 166 -8.54 2.18 -23.72
N GLU A 167 -9.38 2.76 -22.84
CA GLU A 167 -10.73 3.15 -23.24
C GLU A 167 -10.67 4.11 -24.40
N LYS A 168 -9.73 5.07 -24.37
CA LYS A 168 -9.59 6.03 -25.49
C LYS A 168 -9.28 5.36 -26.83
N GLU A 169 -8.64 4.20 -26.77
CA GLU A 169 -8.32 3.40 -27.95
C GLU A 169 -9.35 2.33 -28.26
N GLY A 170 -10.55 2.41 -27.69
CA GLY A 170 -11.63 1.46 -27.97
C GLY A 170 -11.53 0.13 -27.24
N ILE A 171 -10.75 0.07 -26.16
CA ILE A 171 -10.61 -1.17 -25.42
C ILE A 171 -11.28 -0.98 -24.07
N ASN A 172 -12.31 -1.79 -23.79
CA ASN A 172 -13.10 -1.64 -22.58
C ASN A 172 -12.50 -2.49 -21.47
N CYS A 173 -12.50 -1.91 -20.27
CA CYS A 173 -11.83 -2.50 -19.13
C CYS A 173 -12.74 -2.77 -17.97
N ASN A 174 -12.28 -3.71 -17.14
CA ASN A 174 -12.92 -4.17 -15.92
C ASN A 174 -11.90 -3.90 -14.81
N LEU A 175 -12.15 -2.89 -13.97
CA LEU A 175 -11.21 -2.54 -12.92
C LEU A 175 -11.54 -3.33 -11.67
N THR A 176 -10.64 -4.26 -11.35
CA THR A 176 -10.87 -5.22 -10.26
C THR A 176 -10.11 -4.91 -8.97
N LEU A 177 -10.35 -5.71 -7.93
CA LEU A 177 -9.68 -5.48 -6.63
C LEU A 177 -9.92 -4.05 -6.14
N LEU A 178 -11.15 -3.60 -6.31
CA LEU A 178 -11.59 -2.29 -5.90
C LEU A 178 -12.16 -2.34 -4.44
N PHE A 179 -11.41 -1.72 -3.54
CA PHE A 179 -11.67 -1.71 -2.08
C PHE A 179 -11.92 -0.35 -1.43
N SER A 180 -11.17 0.69 -1.81
CA SER A 180 -11.29 1.99 -1.19
C SER A 180 -12.13 2.96 -2.02
N PHE A 181 -12.64 3.97 -1.37
CA PHE A 181 -13.37 5.01 -2.05
C PHE A 181 -12.45 5.76 -3.01
N ALA A 182 -11.17 5.94 -2.63
CA ALA A 182 -10.19 6.55 -3.53
C ALA A 182 -10.13 5.82 -4.87
N GLN A 183 -10.07 4.49 -4.80
CA GLN A 183 -10.10 3.67 -6.02
C GLN A 183 -11.36 3.91 -6.83
N ALA A 184 -12.49 3.87 -6.16
CA ALA A 184 -13.81 4.09 -6.83
C ALA A 184 -13.84 5.41 -7.52
N ARG A 185 -13.43 6.44 -6.78
CA ARG A 185 -13.48 7.78 -7.35
C ARG A 185 -12.57 7.87 -8.58
N ALA A 186 -11.33 7.41 -8.44
CA ALA A 186 -10.35 7.50 -9.54
C ALA A 186 -10.82 6.75 -10.80
N CYS A 187 -11.47 5.59 -10.62
CA CYS A 187 -11.98 4.81 -11.73
C CYS A 187 -13.08 5.57 -12.48
N ALA A 188 -14.00 6.18 -11.75
CA ALA A 188 -15.09 6.95 -12.35
C ALA A 188 -14.49 8.09 -13.17
N GLU A 189 -13.48 8.74 -12.60
CA GLU A 189 -12.90 9.92 -13.22
C GLU A 189 -12.11 9.60 -14.47
N ALA A 190 -11.60 8.37 -14.51
CA ALA A 190 -10.87 7.88 -15.68
C ALA A 190 -11.79 7.37 -16.79
N GLY A 191 -13.11 7.31 -16.53
CA GLY A 191 -14.08 6.86 -17.52
C GLY A 191 -13.98 5.39 -17.89
N VAL A 192 -13.68 4.53 -16.92
CA VAL A 192 -13.48 3.10 -17.26
C VAL A 192 -14.87 2.49 -17.53
N PHE A 193 -14.90 1.44 -18.33
CA PHE A 193 -16.16 0.86 -18.73
C PHE A 193 -16.89 0.27 -17.54
N LEU A 194 -16.13 -0.41 -16.69
CA LEU A 194 -16.73 -1.18 -15.62
C LEU A 194 -15.78 -1.29 -14.43
N ILE A 195 -16.36 -1.35 -13.22
CA ILE A 195 -15.60 -1.64 -11.98
C ILE A 195 -16.20 -2.87 -11.31
N SER A 196 -15.33 -3.65 -10.66
CA SER A 196 -15.72 -4.80 -9.84
C SER A 196 -15.35 -4.55 -8.40
N PRO A 197 -16.20 -3.80 -7.68
CA PRO A 197 -15.94 -3.61 -6.25
C PRO A 197 -16.23 -4.89 -5.48
N PHE A 198 -15.28 -5.26 -4.64
CA PHE A 198 -15.35 -6.54 -3.99
C PHE A 198 -16.22 -6.42 -2.75
N VAL A 199 -16.85 -7.54 -2.40
CA VAL A 199 -17.72 -7.59 -1.26
C VAL A 199 -17.17 -8.58 -0.25
N GLY A 200 -16.98 -9.81 -0.68
CA GLY A 200 -16.64 -10.91 0.25
C GLY A 200 -15.28 -10.74 0.90
N ARG A 201 -14.31 -10.23 0.15
CA ARG A 201 -12.96 -10.07 0.72
C ARG A 201 -12.93 -8.96 1.75
N ILE A 202 -13.85 -7.98 1.63
CA ILE A 202 -13.97 -6.93 2.63
C ILE A 202 -14.52 -7.55 3.93
N LEU A 203 -15.56 -8.36 3.80
CA LEU A 203 -16.06 -9.12 4.94
C LEU A 203 -14.95 -9.94 5.62
N ASP A 204 -14.15 -10.65 4.81
CA ASP A 204 -13.01 -11.45 5.33
C ASP A 204 -12.07 -10.60 6.19
N TRP A 205 -11.72 -9.42 5.69
CA TRP A 205 -10.82 -8.55 6.41
C TRP A 205 -11.40 -8.13 7.79
N TYR A 206 -12.66 -7.73 7.79
CA TYR A 206 -13.28 -7.23 9.01
C TYR A 206 -13.42 -8.33 10.06
N LYS A 207 -13.69 -9.54 9.63
CA LYS A 207 -13.74 -10.66 10.56
C LYS A 207 -12.39 -10.92 11.20
N ALA A 208 -11.34 -10.78 10.41
CA ALA A 208 -9.97 -11.04 10.87
C ALA A 208 -9.43 -9.91 11.77
N ASN A 209 -9.90 -8.68 11.56
CA ASN A 209 -9.30 -7.50 12.18
C ASN A 209 -10.17 -6.72 13.16
N THR A 210 -11.40 -7.16 13.36
CA THR A 210 -12.26 -6.59 14.40
C THR A 210 -12.82 -7.74 15.19
N ASP A 211 -13.46 -7.44 16.32
CA ASP A 211 -14.09 -8.44 17.19
C ASP A 211 -15.44 -8.92 16.65
N LYS A 212 -16.04 -8.11 15.78
CA LYS A 212 -17.34 -8.44 15.21
C LYS A 212 -17.17 -9.48 14.10
N LYS A 213 -17.69 -10.66 14.36
CA LYS A 213 -17.56 -11.80 13.45
C LYS A 213 -18.85 -12.12 12.69
N GLU A 214 -19.98 -11.57 13.12
CA GLU A 214 -21.26 -11.81 12.44
C GLU A 214 -21.93 -10.50 12.09
N TYR A 215 -22.42 -10.42 10.86
CA TYR A 215 -22.97 -9.19 10.27
C TYR A 215 -24.33 -9.48 9.67
N ALA A 216 -25.32 -8.66 9.97
CA ALA A 216 -26.57 -8.70 9.22
C ALA A 216 -26.21 -8.28 7.79
N PRO A 217 -26.97 -8.76 6.78
CA PRO A 217 -26.67 -8.41 5.39
C PRO A 217 -26.46 -6.89 5.17
N ALA A 218 -27.36 -6.08 5.73
CA ALA A 218 -27.33 -4.64 5.58
C ALA A 218 -26.12 -4.00 6.25
N GLU A 219 -25.54 -4.68 7.24
CA GLU A 219 -24.33 -4.21 7.94
C GLU A 219 -23.02 -4.76 7.36
N ASP A 220 -23.11 -5.70 6.41
CA ASP A 220 -21.91 -6.34 5.84
C ASP A 220 -21.05 -5.23 5.20
N PRO A 221 -19.78 -5.13 5.61
CA PRO A 221 -18.98 -3.97 5.14
C PRO A 221 -18.68 -3.95 3.63
N GLY A 222 -18.72 -5.12 3.01
CA GLY A 222 -18.64 -5.23 1.55
C GLY A 222 -19.89 -4.69 0.89
N VAL A 223 -21.04 -5.03 1.46
CA VAL A 223 -22.33 -4.55 0.97
C VAL A 223 -22.39 -3.04 1.11
N VAL A 224 -21.91 -2.52 2.24
CA VAL A 224 -21.90 -1.08 2.49
C VAL A 224 -21.00 -0.39 1.46
N SER A 225 -19.83 -0.97 1.24
CA SER A 225 -18.91 -0.43 0.24
C SER A 225 -19.55 -0.27 -1.13
N VAL A 226 -20.14 -1.36 -1.64
CA VAL A 226 -20.73 -1.33 -2.98
C VAL A 226 -21.93 -0.35 -3.05
N SER A 227 -22.75 -0.36 -2.01
CA SER A 227 -23.90 0.54 -1.90
C SER A 227 -23.51 2.03 -1.96
N GLU A 228 -22.44 2.39 -1.26
CA GLU A 228 -21.94 3.75 -1.27
C GLU A 228 -21.30 4.11 -2.60
N ILE A 229 -20.56 3.18 -3.22
CA ILE A 229 -19.97 3.42 -4.54
C ILE A 229 -21.08 3.64 -5.57
N TYR A 230 -22.11 2.77 -5.54
CA TYR A 230 -23.27 2.89 -6.43
C TYR A 230 -23.90 4.25 -6.33
N GLN A 231 -24.19 4.67 -5.11
CA GLN A 231 -24.76 6.02 -4.86
C GLN A 231 -23.88 7.12 -5.44
N TYR A 232 -22.58 7.08 -5.16
CA TYR A 232 -21.65 8.10 -5.68
C TYR A 232 -21.60 8.17 -7.22
N TYR A 233 -21.60 7.03 -7.87
CA TYR A 233 -21.58 6.99 -9.32
C TYR A 233 -22.85 7.56 -9.92
N LYS A 234 -23.99 7.13 -9.40
CA LYS A 234 -25.29 7.50 -9.98
C LYS A 234 -25.57 8.96 -9.71
N GLU A 235 -25.26 9.42 -8.51
CA GLU A 235 -25.56 10.81 -8.12
C GLU A 235 -24.73 11.82 -8.91
N HIS A 236 -23.56 11.41 -9.41
CA HIS A 236 -22.73 12.27 -10.29
C HIS A 236 -22.82 11.92 -11.78
N GLY A 237 -23.77 11.07 -12.16
CA GLY A 237 -23.99 10.74 -13.59
C GLY A 237 -22.88 9.93 -14.27
N TYR A 238 -22.05 9.25 -13.50
CA TYR A 238 -20.99 8.42 -14.12
C TYR A 238 -21.60 7.20 -14.79
N GLU A 239 -21.09 6.87 -15.97
CA GLU A 239 -21.63 5.76 -16.79
CA GLU A 239 -21.62 5.78 -16.81
C GLU A 239 -20.88 4.46 -16.61
N THR A 240 -19.88 4.46 -15.74
CA THR A 240 -19.12 3.26 -15.47
C THR A 240 -20.08 2.25 -14.85
N VAL A 241 -20.09 1.03 -15.39
CA VAL A 241 -20.94 -0.05 -14.87
C VAL A 241 -20.41 -0.45 -13.52
N VAL A 242 -21.31 -0.59 -12.56
CA VAL A 242 -20.96 -1.05 -11.22
C VAL A 242 -21.31 -2.55 -11.16
N MET A 243 -20.32 -3.40 -10.95
CA MET A 243 -20.50 -4.84 -10.88
C MET A 243 -19.92 -5.42 -9.58
N GLY A 244 -20.79 -5.68 -8.60
CA GLY A 244 -20.38 -6.38 -7.42
C GLY A 244 -19.77 -7.74 -7.74
N ALA A 245 -18.70 -8.07 -7.01
CA ALA A 245 -17.94 -9.30 -7.20
C ALA A 245 -17.51 -9.82 -5.83
N SER A 246 -17.11 -11.09 -5.78
CA SER A 246 -16.65 -11.75 -4.55
C SER A 246 -17.75 -11.84 -3.51
N PHE A 247 -18.30 -13.02 -3.34
CA PHE A 247 -19.38 -13.18 -2.39
C PHE A 247 -19.14 -14.38 -1.50
N ARG A 248 -19.49 -14.20 -0.23
CA ARG A 248 -19.41 -15.29 0.75
C ARG A 248 -20.75 -15.96 1.01
N ASN A 249 -21.84 -15.28 0.67
CA ASN A 249 -23.18 -15.81 0.96
C ASN A 249 -24.27 -15.07 0.17
N ILE A 250 -25.44 -15.69 0.05
CA ILE A 250 -26.52 -15.11 -0.78
C ILE A 250 -27.12 -13.86 -0.12
N GLY A 251 -26.98 -13.73 1.21
CA GLY A 251 -27.44 -12.51 1.89
C GLY A 251 -26.80 -11.25 1.30
N GLU A 252 -25.51 -11.34 1.00
CA GLU A 252 -24.76 -10.22 0.39
C GLU A 252 -25.35 -9.88 -0.98
N ILE A 253 -25.58 -10.92 -1.78
CA ILE A 253 -26.09 -10.75 -3.14
C ILE A 253 -27.46 -10.08 -3.11
N LEU A 254 -28.37 -10.62 -2.31
CA LEU A 254 -29.73 -10.06 -2.24
C LEU A 254 -29.79 -8.61 -1.75
N GLU A 255 -28.88 -8.23 -0.84
CA GLU A 255 -28.80 -6.84 -0.36
C GLU A 255 -28.37 -5.87 -1.45
N LEU A 256 -27.82 -6.40 -2.53
CA LEU A 256 -27.32 -5.55 -3.64
C LEU A 256 -28.19 -5.65 -4.88
N ALA A 257 -29.39 -6.21 -4.72
CA ALA A 257 -30.35 -6.33 -5.83
C ALA A 257 -30.59 -4.95 -6.34
N GLY A 258 -30.39 -4.76 -7.64
CA GLY A 258 -30.47 -3.44 -8.24
C GLY A 258 -29.13 -2.92 -8.72
N CYS A 259 -28.05 -3.48 -8.19
CA CYS A 259 -26.71 -3.17 -8.72
C CYS A 259 -26.71 -3.45 -10.21
N ASP A 260 -26.00 -2.63 -11.00
CA ASP A 260 -26.06 -2.76 -12.46
C ASP A 260 -25.86 -4.22 -12.88
N ARG A 261 -24.75 -4.77 -12.42
CA ARG A 261 -24.43 -6.20 -12.67
C ARG A 261 -23.92 -6.77 -11.37
N LEU A 262 -24.01 -8.10 -11.23
CA LEU A 262 -23.36 -8.83 -10.15
C LEU A 262 -22.74 -10.09 -10.77
N THR A 263 -21.46 -10.33 -10.52
CA THR A 263 -20.82 -11.52 -10.96
C THR A 263 -20.76 -12.51 -9.79
N ILE A 264 -21.30 -13.70 -10.04
CA ILE A 264 -21.63 -14.64 -8.97
C ILE A 264 -21.10 -16.04 -9.33
N ALA A 265 -20.47 -16.70 -8.37
CA ALA A 265 -19.89 -18.03 -8.58
C ALA A 265 -21.01 -19.07 -8.70
N PRO A 266 -20.77 -20.14 -9.47
CA PRO A 266 -21.79 -21.19 -9.65
C PRO A 266 -22.44 -21.70 -8.36
N THR A 267 -21.66 -21.87 -7.30
CA THR A 267 -22.20 -22.33 -6.01
C THR A 267 -23.32 -21.44 -5.50
N LEU A 268 -23.14 -20.14 -5.61
CA LEU A 268 -24.17 -19.21 -5.15
C LEU A 268 -25.29 -19.02 -6.17
N LEU A 269 -24.99 -19.16 -7.46
CA LEU A 269 -26.04 -19.19 -8.47
C LEU A 269 -26.99 -20.33 -8.18
N LYS A 270 -26.44 -21.49 -7.82
CA LYS A 270 -27.25 -22.68 -7.46
C LYS A 270 -28.12 -22.42 -6.24
N GLU A 271 -27.55 -21.81 -5.19
CA GLU A 271 -28.35 -21.47 -4.01
C GLU A 271 -29.46 -20.50 -4.33
N LEU A 272 -29.20 -19.49 -5.16
CA LEU A 272 -30.26 -18.57 -5.57
C LEU A 272 -31.41 -19.27 -6.32
N ALA A 273 -31.04 -20.12 -7.28
CA ALA A 273 -32.00 -20.81 -8.14
C ALA A 273 -32.84 -21.80 -7.32
N GLU A 274 -32.26 -22.29 -6.23
CA GLU A 274 -32.89 -23.27 -5.36
C GLU A 274 -33.69 -22.64 -4.24
N SER A 275 -33.63 -21.32 -4.12
CA SER A 275 -34.29 -20.59 -3.06
C SER A 275 -35.63 -20.01 -3.56
N GLU A 276 -36.72 -20.39 -2.93
CA GLU A 276 -38.04 -19.93 -3.38
C GLU A 276 -38.38 -18.59 -2.73
N GLY A 277 -39.13 -17.76 -3.43
CA GLY A 277 -39.53 -16.47 -2.90
C GLY A 277 -39.05 -15.32 -3.77
N ALA A 278 -39.87 -14.27 -3.83
CA ALA A 278 -39.54 -13.06 -4.56
C ALA A 278 -38.75 -12.13 -3.64
N ILE A 279 -37.87 -11.34 -4.23
CA ILE A 279 -37.06 -10.39 -3.47
C ILE A 279 -37.38 -8.98 -3.94
N GLU A 280 -37.08 -7.98 -3.10
CA GLU A 280 -37.22 -6.57 -3.48
C GLU A 280 -35.89 -6.00 -3.96
N ARG A 281 -36.00 -4.93 -4.75
CA ARG A 281 -34.87 -4.16 -5.19
C ARG A 281 -34.37 -3.38 -3.99
N LYS A 282 -33.05 -3.32 -3.79
CA LYS A 282 -32.43 -2.60 -2.66
C LYS A 282 -31.66 -1.35 -3.03
N LEU A 283 -30.99 -1.40 -4.18
CA LEU A 283 -30.13 -0.32 -4.64
C LEU A 283 -30.79 0.45 -5.74
N SER A 284 -31.10 1.71 -5.48
CA SER A 284 -31.62 2.62 -6.47
C SER A 284 -31.10 4.00 -6.17
N TYR A 285 -31.08 4.87 -7.17
CA TYR A 285 -30.88 6.30 -6.93
C TYR A 285 -31.91 7.09 -7.73
N THR A 286 -32.65 7.98 -7.07
CA THR A 286 -33.77 8.71 -7.70
C THR A 286 -33.56 10.23 -7.86
N GLY A 287 -32.52 10.79 -7.21
CA GLY A 287 -32.36 12.26 -7.15
C GLY A 287 -31.72 12.93 -8.35
N GLU A 288 -31.30 14.17 -8.14
CA GLU A 288 -30.67 15.01 -9.19
C GLU A 288 -29.23 14.58 -9.47
N VAL A 289 -28.73 14.88 -10.67
CA VAL A 289 -27.29 14.72 -10.94
C VAL A 289 -26.57 15.88 -10.28
N LYS A 290 -25.54 15.56 -9.49
CA LYS A 290 -24.79 16.55 -8.73
C LYS A 290 -23.52 16.90 -9.46
N ALA A 291 -23.05 18.12 -9.24
CA ALA A 291 -21.80 18.59 -9.86
C ALA A 291 -20.61 17.73 -9.39
N ARG A 292 -19.66 17.52 -10.29
CA ARG A 292 -18.47 16.71 -9.99
C ARG A 292 -17.37 17.59 -9.41
N PRO A 293 -16.49 17.00 -8.59
CA PRO A 293 -15.35 17.73 -8.07
C PRO A 293 -14.25 17.81 -9.12
N ALA A 294 -13.18 18.53 -8.81
CA ALA A 294 -11.95 18.44 -9.57
C ALA A 294 -11.47 16.98 -9.54
N ARG A 295 -10.74 16.55 -10.55
CA ARG A 295 -10.23 15.18 -10.56
C ARG A 295 -9.29 14.95 -9.38
N ILE A 296 -9.41 13.80 -8.71
CA ILE A 296 -8.42 13.42 -7.67
C ILE A 296 -7.04 13.27 -8.31
N THR A 297 -6.04 13.88 -7.67
CA THR A 297 -4.65 13.79 -8.11
C THR A 297 -4.04 12.50 -7.59
N GLU A 298 -2.90 12.11 -8.15
CA GLU A 298 -2.20 10.93 -7.65
C GLU A 298 -1.91 11.03 -6.15
N SER A 299 -1.40 12.18 -5.70
CA SER A 299 -1.04 12.34 -4.29
C SER A 299 -2.24 12.21 -3.37
N GLU A 300 -3.34 12.83 -3.75
CA GLU A 300 -4.59 12.76 -2.99
C GLU A 300 -5.11 11.33 -2.98
N PHE A 301 -5.01 10.68 -4.13
CA PHE A 301 -5.44 9.28 -4.23
C PHE A 301 -4.65 8.41 -3.27
N LEU A 302 -3.34 8.58 -3.28
CA LEU A 302 -2.51 7.76 -2.43
C LEU A 302 -2.83 8.00 -0.97
N TRP A 303 -3.00 9.26 -0.61
CA TRP A 303 -3.34 9.58 0.78
C TRP A 303 -4.64 8.90 1.17
N GLN A 304 -5.65 9.01 0.31
CA GLN A 304 -6.97 8.55 0.69
C GLN A 304 -7.07 7.02 0.65
N HIS A 305 -6.42 6.39 -0.32
CA HIS A 305 -6.40 4.93 -0.34
C HIS A 305 -5.76 4.41 0.95
N ASN A 306 -4.64 4.99 1.35
CA ASN A 306 -3.89 4.49 2.52
C ASN A 306 -4.49 4.89 3.85
N GLN A 307 -5.52 5.74 3.83
CA GLN A 307 -6.38 5.95 5.01
C GLN A 307 -7.24 4.72 5.37
N ASP A 308 -7.35 3.77 4.44
CA ASP A 308 -8.26 2.63 4.51
C ASP A 308 -7.46 1.33 4.69
N PRO A 309 -7.27 0.86 5.95
CA PRO A 309 -6.30 -0.24 6.17
C PRO A 309 -6.73 -1.53 5.52
N MET A 310 -8.03 -1.72 5.41
CA MET A 310 -8.57 -2.86 4.69
C MET A 310 -8.13 -2.83 3.23
N ALA A 311 -8.32 -1.67 2.62
CA ALA A 311 -8.03 -1.49 1.21
C ALA A 311 -6.54 -1.66 0.91
N VAL A 312 -5.72 -1.12 1.79
CA VAL A 312 -4.26 -1.22 1.71
C VAL A 312 -3.84 -2.67 1.64
N ASP A 313 -4.31 -3.45 2.62
CA ASP A 313 -4.02 -4.86 2.70
C ASP A 313 -4.55 -5.64 1.51
N LYS A 314 -5.86 -5.51 1.24
CA LYS A 314 -6.53 -6.43 0.30
C LYS A 314 -6.17 -6.15 -1.15
N LEU A 315 -5.90 -4.90 -1.51
CA LEU A 315 -5.42 -4.65 -2.88
C LEU A 315 -4.08 -5.32 -3.08
N ALA A 316 -3.13 -5.07 -2.17
CA ALA A 316 -1.80 -5.64 -2.29
C ALA A 316 -1.84 -7.19 -2.29
N GLU A 317 -2.63 -7.76 -1.38
CA GLU A 317 -2.78 -9.18 -1.25
C GLU A 317 -3.37 -9.83 -2.51
N GLY A 318 -4.39 -9.21 -3.05
CA GLY A 318 -5.07 -9.75 -4.23
C GLY A 318 -4.13 -9.85 -5.41
N ILE A 319 -3.31 -8.82 -5.56
CA ILE A 319 -2.31 -8.78 -6.59
C ILE A 319 -1.28 -9.90 -6.37
N ARG A 320 -0.78 -10.06 -5.14
CA ARG A 320 0.17 -11.13 -4.86
C ARG A 320 -0.40 -12.49 -5.23
N LYS A 321 -1.64 -12.73 -4.80
CA LYS A 321 -2.29 -14.03 -5.07
C LYS A 321 -2.51 -14.30 -6.58
N PHE A 322 -2.97 -13.30 -7.33
CA PHE A 322 -3.13 -13.46 -8.78
C PHE A 322 -1.78 -13.67 -9.51
N ALA A 323 -0.71 -13.01 -9.02
CA ALA A 323 0.61 -13.24 -9.57
C ALA A 323 1.12 -14.66 -9.28
N ILE A 324 0.86 -15.17 -8.09
CA ILE A 324 1.25 -16.55 -7.77
C ILE A 324 0.56 -17.55 -8.70
N ASP A 325 -0.71 -17.35 -8.95
CA ASP A 325 -1.44 -18.22 -9.86
C ASP A 325 -0.94 -18.12 -11.28
N GLN A 326 -0.46 -16.95 -11.67
CA GLN A 326 0.14 -16.76 -12.97
C GLN A 326 1.40 -17.60 -13.06
N GLU A 327 2.20 -17.56 -11.98
CA GLU A 327 3.43 -18.34 -11.91
C GLU A 327 3.15 -19.82 -11.96
N LYS A 328 2.10 -20.27 -11.28
CA LYS A 328 1.69 -21.67 -11.38
C LYS A 328 1.24 -22.07 -12.80
N LEU A 329 0.51 -21.19 -13.47
CA LEU A 329 0.12 -21.40 -14.87
C LEU A 329 1.35 -21.51 -15.77
N GLU A 330 2.36 -20.67 -15.55
CA GLU A 330 3.58 -20.73 -16.33
C GLU A 330 4.38 -22.00 -16.10
N LYS A 331 4.36 -22.50 -14.86
CA LYS A 331 4.99 -23.77 -14.52
C LYS A 331 4.31 -24.95 -15.24
N MET A 332 2.98 -24.97 -15.25
CA MET A 332 2.23 -26.01 -15.96
C MET A 332 2.55 -26.02 -17.45
N ILE A 333 2.50 -24.83 -18.04
CA ILE A 333 2.82 -24.64 -19.47
C ILE A 333 4.28 -24.98 -19.76
N GLY A 334 5.18 -24.57 -18.87
CA GLY A 334 6.60 -24.88 -19.02
C GLY A 334 6.88 -26.37 -18.98
N ASP A 335 6.07 -27.11 -18.21
CA ASP A 335 6.18 -28.58 -18.13
C ASP A 335 5.73 -29.30 -19.39
N LEU A 336 5.00 -28.60 -20.26
CA LEU A 336 4.45 -29.17 -21.48
C LEU A 336 5.21 -28.78 -22.75
N LEU A 337 6.21 -27.92 -22.63
CA LEU A 337 6.95 -27.48 -23.81
C LEU A 337 7.98 -28.52 -24.21
N THR B 22 31.58 -3.07 34.26
CA THR B 22 30.63 -1.94 34.01
C THR B 22 29.41 -2.38 33.15
N ASP B 23 28.82 -1.48 32.38
CA ASP B 23 27.42 -1.63 31.97
C ASP B 23 27.23 -1.76 30.46
N LYS B 24 26.06 -2.25 30.05
CA LYS B 24 25.82 -2.56 28.65
C LYS B 24 25.67 -1.33 27.75
N LEU B 25 25.24 -0.20 28.30
CA LEU B 25 25.14 1.03 27.52
C LEU B 25 26.54 1.52 27.12
N THR B 26 27.44 1.56 28.10
CA THR B 26 28.82 1.88 27.87
C THR B 26 29.46 0.91 26.86
N SER B 27 29.17 -0.40 27.01
CA SER B 27 29.74 -1.41 26.16
C SER B 27 29.22 -1.22 24.72
N LEU B 28 27.91 -0.98 24.58
CA LEU B 28 27.29 -0.72 23.27
C LEU B 28 27.94 0.48 22.56
N ARG B 29 28.26 1.50 23.35
CA ARG B 29 28.84 2.70 22.81
C ARG B 29 30.23 2.52 22.23
N GLN B 30 30.90 1.39 22.55
CA GLN B 30 32.17 1.06 21.88
C GLN B 30 31.96 0.83 20.37
N TYR B 31 30.77 0.35 20.02
CA TYR B 31 30.51 -0.13 18.68
C TYR B 31 29.53 0.72 17.86
N THR B 32 28.66 1.45 18.55
CA THR B 32 27.51 2.14 17.96
C THR B 32 27.33 3.54 18.56
N THR B 33 27.02 4.52 17.71
CA THR B 33 26.64 5.84 18.18
C THR B 33 25.21 5.78 18.74
N VAL B 34 25.10 6.09 20.02
CA VAL B 34 23.81 6.06 20.68
C VAL B 34 23.09 7.41 20.55
N VAL B 35 21.83 7.30 20.15
CA VAL B 35 20.96 8.41 19.92
C VAL B 35 19.74 8.27 20.82
N ALA B 36 19.27 9.38 21.39
CA ALA B 36 18.09 9.35 22.31
C ALA B 36 16.80 9.64 21.55
N ASP B 37 15.84 8.72 21.69
CA ASP B 37 14.52 8.80 21.05
C ASP B 37 13.47 9.40 21.98
N THR B 38 13.44 10.72 22.03
CA THR B 38 12.58 11.44 22.96
C THR B 38 12.69 12.95 22.75
N GLY B 39 11.60 13.66 23.07
CA GLY B 39 11.61 15.13 23.12
C GLY B 39 11.96 15.72 24.49
N ASP B 40 12.29 14.84 25.45
CA ASP B 40 12.53 15.24 26.86
C ASP B 40 14.00 15.59 27.14
N ILE B 41 14.27 16.85 27.42
CA ILE B 41 15.65 17.28 27.74
C ILE B 41 16.28 16.59 28.95
N ALA B 42 15.45 16.14 29.90
CA ALA B 42 15.95 15.38 31.07
C ALA B 42 16.79 14.17 30.64
N ALA B 43 16.35 13.47 29.60
CA ALA B 43 17.06 12.32 29.05
C ALA B 43 18.37 12.72 28.39
N MET B 44 18.41 13.90 27.80
CA MET B 44 19.65 14.34 27.17
C MET B 44 20.72 14.59 28.25
N LYS B 45 20.32 15.21 29.34
CA LYS B 45 21.22 15.44 30.48
C LYS B 45 21.69 14.11 31.09
N LEU B 46 20.78 13.17 31.26
CA LEU B 46 21.13 11.90 31.92
C LEU B 46 22.03 11.00 31.06
N TYR B 47 21.71 10.82 29.77
CA TYR B 47 22.42 9.83 28.95
C TYR B 47 23.49 10.41 28.02
N GLN B 48 23.48 11.72 27.85
CA GLN B 48 24.45 12.44 27.00
C GLN B 48 24.60 11.79 25.63
N PRO B 49 23.50 11.69 24.91
CA PRO B 49 23.58 11.07 23.57
C PRO B 49 24.24 12.02 22.54
N GLN B 50 24.73 11.45 21.45
CA GLN B 50 25.34 12.22 20.38
C GLN B 50 24.30 12.97 19.58
N ASP B 51 23.22 12.29 19.23
CA ASP B 51 22.07 12.87 18.50
C ASP B 51 20.81 12.65 19.31
N ALA B 52 19.73 13.27 18.89
CA ALA B 52 18.39 12.92 19.38
C ALA B 52 17.39 12.86 18.22
N THR B 53 16.34 12.06 18.39
CA THR B 53 15.24 12.00 17.42
C THR B 53 13.92 12.33 18.13
N THR B 54 13.11 13.15 17.47
CA THR B 54 11.71 13.34 17.80
C THR B 54 10.86 12.88 16.63
N ASN B 55 9.55 12.84 16.88
CA ASN B 55 8.57 12.57 15.86
C ASN B 55 7.29 13.19 16.34
N PRO B 56 6.25 13.25 15.49
CA PRO B 56 5.06 14.01 15.91
C PRO B 56 4.41 13.50 17.20
N SER B 57 4.47 12.18 17.41
CA SER B 57 3.94 11.59 18.63
C SER B 57 4.76 12.03 19.85
N LEU B 58 6.09 12.03 19.73
CA LEU B 58 6.95 12.49 20.82
C LEU B 58 6.87 14.00 21.04
N ILE B 59 6.59 14.75 19.99
CA ILE B 59 6.31 16.19 20.16
C ILE B 59 5.00 16.38 20.93
N LEU B 60 3.97 15.64 20.53
CA LEU B 60 2.68 15.72 21.25
C LEU B 60 2.92 15.40 22.71
N ASN B 61 3.65 14.32 22.99
CA ASN B 61 3.94 13.92 24.37
C ASN B 61 4.71 14.97 25.14
N ALA B 62 5.77 15.50 24.52
CA ALA B 62 6.61 16.52 25.18
C ALA B 62 5.85 17.80 25.47
N ALA B 63 4.90 18.15 24.61
CA ALA B 63 4.03 19.31 24.81
C ALA B 63 3.18 19.19 26.09
N GLN B 64 3.10 17.98 26.66
CA GLN B 64 2.44 17.76 27.96
C GLN B 64 3.36 17.99 29.18
N ILE B 65 4.66 18.15 28.98
CA ILE B 65 5.59 18.37 30.09
C ILE B 65 5.42 19.80 30.62
N PRO B 66 5.04 19.96 31.90
CA PRO B 66 4.83 21.30 32.49
C PRO B 66 5.92 22.34 32.22
N GLU B 67 7.18 21.94 32.25
CA GLU B 67 8.30 22.88 32.03
C GLU B 67 8.45 23.31 30.56
N TYR B 68 7.70 22.64 29.69
CA TYR B 68 7.67 22.96 28.27
C TYR B 68 6.57 23.96 27.93
N ARG B 69 5.83 24.42 28.93
CA ARG B 69 4.75 25.38 28.69
C ARG B 69 5.29 26.66 28.03
N LYS B 70 6.46 27.08 28.50
CA LYS B 70 7.18 28.25 27.96
CA LYS B 70 7.19 28.24 27.97
C LYS B 70 7.38 28.12 26.44
N LEU B 71 7.72 26.93 25.97
CA LEU B 71 7.99 26.69 24.54
C LEU B 71 6.73 26.78 23.69
N ILE B 72 5.63 26.25 24.22
CA ILE B 72 4.34 26.34 23.56
C ILE B 72 3.93 27.80 23.46
N ASP B 73 4.12 28.54 24.54
CA ASP B 73 3.75 29.96 24.59
C ASP B 73 4.59 30.78 23.63
N ASP B 74 5.88 30.49 23.54
CA ASP B 74 6.73 31.19 22.59
C ASP B 74 6.29 30.90 21.14
N ALA B 75 5.96 29.64 20.85
CA ALA B 75 5.45 29.23 19.53
C ALA B 75 4.20 29.99 19.13
N VAL B 76 3.25 30.07 20.05
CA VAL B 76 1.98 30.78 19.83
C VAL B 76 2.23 32.28 19.64
N ALA B 77 3.08 32.86 20.52
CA ALA B 77 3.47 34.28 20.42
C ALA B 77 4.13 34.59 19.09
N TRP B 78 5.07 33.72 18.68
CA TRP B 78 5.72 33.80 17.38
C TRP B 78 4.72 33.70 16.24
N ALA B 79 3.85 32.70 16.30
CA ALA B 79 2.84 32.51 15.24
C ALA B 79 1.98 33.75 15.09
N LYS B 80 1.62 34.37 16.22
CA LYS B 80 0.77 35.58 16.21
C LYS B 80 1.49 36.79 15.61
N GLN B 81 2.81 36.77 15.64
CA GLN B 81 3.58 37.82 14.97
C GLN B 81 3.63 37.64 13.44
N GLN B 82 3.45 36.42 12.95
CA GLN B 82 3.63 36.12 11.51
C GLN B 82 2.39 36.42 10.66
N SER B 83 1.21 36.30 11.23
CA SER B 83 -0.02 36.54 10.50
C SER B 83 -1.18 36.78 11.43
N ASN B 84 -2.25 37.30 10.85
CA ASN B 84 -3.51 37.50 11.57
C ASN B 84 -4.52 36.42 11.19
N ASP B 85 -4.05 35.39 10.47
CA ASP B 85 -4.90 34.30 9.97
C ASP B 85 -4.93 33.06 10.91
N ARG B 86 -6.10 32.68 11.40
CA ARG B 86 -6.20 31.55 12.35
C ARG B 86 -5.53 30.25 11.82
N ALA B 87 -5.89 29.84 10.61
CA ALA B 87 -5.35 28.60 10.02
C ALA B 87 -3.82 28.60 9.93
N GLN B 88 -3.27 29.70 9.44
CA GLN B 88 -1.82 29.85 9.33
C GLN B 88 -1.12 29.88 10.67
N GLN B 89 -1.74 30.55 11.65
CA GLN B 89 -1.20 30.59 13.02
C GLN B 89 -1.12 29.20 13.62
N ILE B 90 -2.13 28.36 13.34
CA ILE B 90 -2.12 26.99 13.84
C ILE B 90 -0.90 26.26 13.26
N VAL B 91 -0.69 26.39 11.95
CA VAL B 91 0.44 25.75 11.26
C VAL B 91 1.78 26.33 11.74
N ASP B 92 1.87 27.65 11.82
CA ASP B 92 3.11 28.29 12.29
C ASP B 92 3.44 27.91 13.74
N ALA B 93 2.42 27.87 14.58
CA ALA B 93 2.63 27.57 15.97
C ALA B 93 3.07 26.12 16.13
N THR B 94 2.46 25.18 15.39
CA THR B 94 2.85 23.75 15.52
C THR B 94 4.28 23.52 15.06
N ASP B 95 4.63 24.14 13.94
CA ASP B 95 5.96 24.06 13.38
C ASP B 95 7.02 24.65 14.31
N LYS B 96 6.71 25.80 14.90
CA LYS B 96 7.65 26.52 15.76
C LYS B 96 7.82 25.80 17.07
N LEU B 97 6.76 25.14 17.54
CA LEU B 97 6.86 24.32 18.75
C LEU B 97 7.86 23.18 18.53
N ALA B 98 7.67 22.43 17.45
CA ALA B 98 8.59 21.33 17.12
C ALA B 98 10.02 21.79 17.02
N VAL B 99 10.23 22.92 16.37
CA VAL B 99 11.57 23.51 16.26
C VAL B 99 12.05 23.99 17.63
N ASN B 100 11.18 24.60 18.42
CA ASN B 100 11.60 25.08 19.77
C ASN B 100 12.10 23.93 20.62
N ILE B 101 11.38 22.82 20.59
CA ILE B 101 11.79 21.59 21.30
C ILE B 101 13.14 21.11 20.75
N GLY B 102 13.29 21.07 19.43
CA GLY B 102 14.60 20.79 18.82
C GLY B 102 15.70 21.75 19.29
N LEU B 103 15.41 23.06 19.38
CA LEU B 103 16.40 24.05 19.85
C LEU B 103 16.88 23.79 21.27
N GLU B 104 15.94 23.43 22.15
CA GLU B 104 16.31 23.09 23.53
C GLU B 104 17.18 21.84 23.56
N ILE B 105 16.88 20.86 22.71
CA ILE B 105 17.67 19.61 22.66
C ILE B 105 19.08 19.88 22.17
N LEU B 106 19.22 20.74 21.17
CA LEU B 106 20.55 21.05 20.59
C LEU B 106 21.49 21.72 21.60
N LYS B 107 20.94 22.36 22.64
CA LYS B 107 21.77 22.95 23.70
C LYS B 107 22.49 21.87 24.52
N LEU B 108 21.94 20.65 24.50
CA LEU B 108 22.40 19.51 25.31
C LEU B 108 22.96 18.33 24.52
N VAL B 109 22.89 18.36 23.19
CA VAL B 109 23.45 17.28 22.37
C VAL B 109 24.32 17.90 21.27
N PRO B 110 25.50 17.32 21.05
CA PRO B 110 26.47 17.93 20.14
C PRO B 110 26.24 17.64 18.66
N GLY B 111 25.39 16.66 18.37
CA GLY B 111 25.16 16.18 17.00
C GLY B 111 23.85 16.67 16.45
N ARG B 112 23.10 15.75 15.85
CA ARG B 112 21.87 16.09 15.15
C ARG B 112 20.60 16.09 16.01
N ILE B 113 19.65 16.91 15.63
CA ILE B 113 18.27 16.71 15.99
C ILE B 113 17.49 16.25 14.73
N SER B 114 16.66 15.24 14.88
CA SER B 114 15.67 14.91 13.86
C SER B 114 14.28 15.47 14.18
N THR B 115 13.73 16.17 13.21
CA THR B 115 12.42 16.76 13.28
C THR B 115 11.59 16.36 12.05
N GLN B 116 10.41 15.83 12.28
CA GLN B 116 9.60 15.21 11.22
C GLN B 116 8.59 16.14 10.53
N VAL B 117 8.57 16.17 9.21
CA VAL B 117 7.53 16.87 8.49
C VAL B 117 6.16 16.27 8.77
N ASP B 118 5.15 17.09 8.68
CA ASP B 118 3.74 16.69 8.72
C ASP B 118 3.48 15.41 7.88
N ALA B 119 3.10 14.34 8.55
CA ALA B 119 2.91 13.04 7.90
C ALA B 119 1.76 13.05 6.86
N ARG B 120 0.89 14.07 6.93
CA ARG B 120 -0.20 14.23 5.97
C ARG B 120 0.38 14.54 4.60
N LEU B 121 1.66 14.90 4.54
CA LEU B 121 2.31 15.24 3.26
C LEU B 121 3.10 14.06 2.68
N SER B 122 2.97 12.88 3.27
CA SER B 122 3.83 11.71 2.91
C SER B 122 3.80 11.20 1.48
N TYR B 123 2.70 11.44 0.76
CA TYR B 123 2.58 10.99 -0.61
C TYR B 123 2.64 12.13 -1.60
N ASP B 124 3.20 13.28 -1.15
CA ASP B 124 3.29 14.49 -1.94
C ASP B 124 4.70 15.06 -1.89
N THR B 125 5.46 14.77 -2.95
CA THR B 125 6.86 15.17 -3.01
C THR B 125 7.03 16.70 -2.88
N GLU B 126 6.32 17.46 -3.68
CA GLU B 126 6.51 18.91 -3.71
C GLU B 126 6.18 19.57 -2.39
N ALA B 127 5.08 19.13 -1.76
CA ALA B 127 4.65 19.68 -0.46
C ALA B 127 5.65 19.31 0.66
N SER B 128 6.26 18.15 0.56
CA SER B 128 7.25 17.63 1.53
C SER B 128 8.56 18.42 1.44
N ILE B 129 9.00 18.66 0.21
CA ILE B 129 10.16 19.54 -0.05
C ILE B 129 9.91 20.93 0.56
N ALA B 130 8.74 21.52 0.34
CA ALA B 130 8.41 22.85 0.84
C ALA B 130 8.35 22.88 2.36
N LYS B 131 7.77 21.85 2.98
CA LYS B 131 7.72 21.79 4.43
C LYS B 131 9.11 21.64 5.06
N ALA B 132 9.94 20.79 4.46
CA ALA B 132 11.31 20.57 4.93
C ALA B 132 12.09 21.89 4.91
N LYS B 133 11.95 22.63 3.83
CA LYS B 133 12.64 23.89 3.72
C LYS B 133 12.12 24.91 4.71
N ARG B 134 10.82 24.85 5.01
CA ARG B 134 10.25 25.75 6.01
C ARG B 134 10.84 25.46 7.40
N LEU B 135 10.86 24.18 7.75
CA LEU B 135 11.49 23.79 9.04
C LEU B 135 12.98 24.21 9.14
N ILE B 136 13.72 23.95 8.06
CA ILE B 136 15.12 24.39 7.93
C ILE B 136 15.29 25.90 8.08
N LYS B 137 14.45 26.71 7.42
CA LYS B 137 14.47 28.14 7.63
C LYS B 137 14.31 28.57 9.11
N LEU B 138 13.37 27.95 9.81
CA LEU B 138 13.11 28.26 11.22
C LEU B 138 14.31 27.97 12.09
N TYR B 139 14.96 26.85 11.82
CA TYR B 139 16.19 26.51 12.50
C TYR B 139 17.33 27.49 12.15
N ASN B 140 17.52 27.73 10.85
CA ASN B 140 18.53 28.69 10.38
C ASN B 140 18.33 30.07 11.01
N ASP B 141 17.09 30.55 11.05
CA ASP B 141 16.79 31.84 11.65
C ASP B 141 17.07 31.89 13.17
N ALA B 142 16.98 30.74 13.83
CA ALA B 142 17.32 30.59 15.23
C ALA B 142 18.85 30.43 15.45
N GLY B 143 19.63 30.46 14.38
CA GLY B 143 21.08 30.42 14.43
C GLY B 143 21.68 29.02 14.27
N ILE B 144 20.89 28.04 13.83
CA ILE B 144 21.33 26.66 13.72
C ILE B 144 21.58 26.30 12.26
N SER B 145 22.77 25.76 11.97
CA SER B 145 23.16 25.34 10.64
CA SER B 145 23.13 25.36 10.62
C SER B 145 22.59 23.97 10.27
N ASN B 146 22.54 23.72 8.96
CA ASN B 146 22.00 22.46 8.44
C ASN B 146 22.76 21.21 8.90
N ASP B 147 24.03 21.35 9.28
CA ASP B 147 24.78 20.16 9.68
C ASP B 147 24.36 19.64 11.07
N ARG B 148 23.47 20.36 11.76
CA ARG B 148 22.96 19.95 13.06
C ARG B 148 21.53 19.38 12.97
N ILE B 149 20.97 19.36 11.76
CA ILE B 149 19.56 18.98 11.57
C ILE B 149 19.40 17.79 10.62
N LEU B 150 18.44 16.93 10.96
CA LEU B 150 17.90 15.97 9.99
C LEU B 150 16.41 16.17 9.87
N ILE B 151 15.91 16.34 8.64
CA ILE B 151 14.46 16.40 8.42
C ILE B 151 13.97 14.98 8.22
N LYS B 152 13.07 14.54 9.09
CA LYS B 152 12.48 13.21 8.95
C LYS B 152 11.31 13.16 7.99
N LEU B 153 11.35 12.19 7.05
CA LEU B 153 10.29 11.97 6.05
C LEU B 153 9.96 10.51 6.00
N ALA B 154 8.66 10.16 5.87
CA ALA B 154 8.26 8.77 5.69
C ALA B 154 8.84 8.24 4.38
N SER B 155 9.31 7.00 4.40
CA SER B 155 10.01 6.43 3.24
CA SER B 155 9.97 6.38 3.24
C SER B 155 9.06 5.81 2.19
N THR B 156 8.07 6.59 1.77
CA THR B 156 7.27 6.29 0.59
C THR B 156 8.11 6.70 -0.62
N TRP B 157 7.72 6.25 -1.82
CA TRP B 157 8.42 6.71 -3.01
C TRP B 157 8.50 8.24 -3.07
N GLN B 158 7.40 8.90 -2.75
CA GLN B 158 7.33 10.34 -2.76
C GLN B 158 8.27 10.98 -1.75
N GLY B 159 8.41 10.38 -0.58
CA GLY B 159 9.32 10.97 0.42
C GLY B 159 10.77 10.75 0.05
N ILE B 160 11.07 9.62 -0.57
CA ILE B 160 12.43 9.29 -1.02
C ILE B 160 12.85 10.25 -2.14
N ARG B 161 11.91 10.53 -3.04
CA ARG B 161 12.14 11.49 -4.11
C ARG B 161 12.33 12.90 -3.55
N ALA B 162 11.52 13.30 -2.58
CA ALA B 162 11.73 14.57 -1.85
C ALA B 162 13.13 14.64 -1.23
N ALA B 163 13.53 13.58 -0.51
CA ALA B 163 14.82 13.50 0.10
C ALA B 163 15.96 13.62 -0.91
N GLU B 164 15.83 12.95 -2.04
CA GLU B 164 16.87 13.01 -3.06
C GLU B 164 17.13 14.45 -3.42
N GLN B 165 16.06 15.22 -3.58
CA GLN B 165 16.20 16.61 -3.99
C GLN B 165 16.77 17.45 -2.85
N LEU B 166 16.23 17.28 -1.65
CA LEU B 166 16.69 18.04 -0.51
C LEU B 166 18.17 17.87 -0.27
N GLU B 167 18.69 16.64 -0.40
CA GLU B 167 20.13 16.39 -0.16
C GLU B 167 20.95 17.18 -1.14
N LYS B 168 20.50 17.26 -2.37
CA LYS B 168 21.20 18.07 -3.40
C LYS B 168 21.24 19.56 -3.07
N GLU B 169 20.26 20.03 -2.29
CA GLU B 169 20.19 21.39 -1.79
C GLU B 169 20.79 21.62 -0.41
N GLY B 170 21.55 20.68 0.10
CA GLY B 170 22.23 20.87 1.39
C GLY B 170 21.38 20.57 2.60
N ILE B 171 20.28 19.86 2.41
CA ILE B 171 19.41 19.53 3.52
C ILE B 171 19.49 18.05 3.73
N ASN B 172 19.97 17.62 4.91
CA ASN B 172 20.12 16.21 5.23
C ASN B 172 18.83 15.65 5.85
N CYS B 173 18.51 14.41 5.46
CA CYS B 173 17.26 13.77 5.78
C CYS B 173 17.42 12.43 6.51
N ASN B 174 16.36 12.11 7.24
CA ASN B 174 16.23 10.90 8.06
C ASN B 174 14.97 10.22 7.47
N LEU B 175 15.17 9.15 6.71
CA LEU B 175 14.08 8.42 6.08
C LEU B 175 13.55 7.39 7.05
N THR B 176 12.33 7.65 7.51
CA THR B 176 11.73 6.87 8.57
C THR B 176 10.66 5.88 8.06
N LEU B 177 10.15 5.04 8.96
CA LEU B 177 9.11 4.06 8.60
C LEU B 177 9.58 3.17 7.48
N LEU B 178 10.83 2.77 7.61
CA LEU B 178 11.50 1.92 6.63
C LEU B 178 11.34 0.42 7.05
N PHE B 179 10.56 -0.31 6.26
CA PHE B 179 10.16 -1.69 6.53
C PHE B 179 10.58 -2.70 5.48
N SER B 180 10.51 -2.37 4.19
CA SER B 180 10.74 -3.34 3.10
C SER B 180 12.10 -3.11 2.48
N PHE B 181 12.62 -4.16 1.83
CA PHE B 181 13.89 -4.05 1.20
C PHE B 181 13.78 -3.01 0.08
N ALA B 182 12.63 -2.95 -0.57
CA ALA B 182 12.44 -1.97 -1.66
C ALA B 182 12.75 -0.56 -1.16
N GLN B 183 12.24 -0.26 0.02
CA GLN B 183 12.43 1.04 0.66
C GLN B 183 13.91 1.28 0.93
N ALA B 184 14.55 0.28 1.54
CA ALA B 184 16.01 0.35 1.85
C ALA B 184 16.85 0.61 0.59
N ARG B 185 16.56 -0.16 -0.46
CA ARG B 185 17.30 -0.05 -1.69
C ARG B 185 17.10 1.33 -2.35
N ALA B 186 15.85 1.76 -2.43
CA ALA B 186 15.52 3.06 -3.00
C ALA B 186 16.16 4.21 -2.24
N CYS B 187 16.20 4.10 -0.92
CA CYS B 187 16.82 5.16 -0.10
C CYS B 187 18.32 5.25 -0.40
N ALA B 188 19.01 4.12 -0.47
CA ALA B 188 20.45 4.08 -0.74
C ALA B 188 20.71 4.71 -2.10
N GLU B 189 19.90 4.35 -3.07
CA GLU B 189 20.08 4.83 -4.45
C GLU B 189 19.81 6.33 -4.58
N ALA B 190 18.96 6.87 -3.71
CA ALA B 190 18.70 8.30 -3.66
C ALA B 190 19.77 9.10 -2.91
N GLY B 191 20.69 8.41 -2.24
CA GLY B 191 21.77 9.08 -1.52
C GLY B 191 21.34 9.85 -0.30
N VAL B 192 20.36 9.32 0.44
CA VAL B 192 19.84 10.03 1.60
C VAL B 192 20.86 9.92 2.74
N PHE B 193 20.84 10.88 3.66
CA PHE B 193 21.89 10.99 4.67
C PHE B 193 21.77 9.87 5.65
N LEU B 194 20.53 9.56 6.01
CA LEU B 194 20.29 8.57 7.03
C LEU B 194 18.97 7.85 6.84
N ILE B 195 18.94 6.56 7.24
CA ILE B 195 17.72 5.80 7.26
C ILE B 195 17.48 5.35 8.69
N SER B 196 16.20 5.28 9.06
CA SER B 196 15.74 4.68 10.32
C SER B 196 14.88 3.43 10.04
N PRO B 197 15.53 2.25 9.81
CA PRO B 197 14.78 1.03 9.65
C PRO B 197 14.22 0.57 11.01
N PHE B 198 12.94 0.23 11.01
CA PHE B 198 12.25 -0.07 12.24
C PHE B 198 12.49 -1.51 12.64
N VAL B 199 12.52 -1.74 13.95
CA VAL B 199 12.73 -3.06 14.50
C VAL B 199 11.45 -3.51 15.23
N GLY B 200 11.04 -2.72 16.21
CA GLY B 200 9.97 -3.11 17.13
C GLY B 200 8.61 -3.26 16.48
N ARG B 201 8.29 -2.39 15.52
CA ARG B 201 7.01 -2.47 14.84
C ARG B 201 6.94 -3.68 13.91
N ILE B 202 8.08 -4.17 13.45
CA ILE B 202 8.11 -5.39 12.65
C ILE B 202 7.77 -6.55 13.58
N LEU B 203 8.41 -6.59 14.74
CA LEU B 203 8.09 -7.63 15.73
C LEU B 203 6.60 -7.62 16.04
N ASP B 204 6.05 -6.44 16.29
CA ASP B 204 4.61 -6.27 16.54
C ASP B 204 3.77 -6.92 15.43
N TRP B 205 4.12 -6.67 14.18
CA TRP B 205 3.32 -7.20 13.07
C TRP B 205 3.36 -8.74 13.09
N TYR B 206 4.54 -9.31 13.29
CA TYR B 206 4.69 -10.77 13.27
C TYR B 206 3.97 -11.45 14.45
N LYS B 207 3.99 -10.83 15.61
CA LYS B 207 3.23 -11.40 16.76
C LYS B 207 1.72 -11.40 16.48
N ALA B 208 1.27 -10.36 15.80
CA ALA B 208 -0.15 -10.21 15.46
C ALA B 208 -0.65 -11.13 14.30
N ASN B 209 0.24 -11.46 13.38
CA ASN B 209 -0.12 -12.13 12.14
C ASN B 209 0.45 -13.53 11.95
N THR B 210 1.23 -14.02 12.90
CA THR B 210 1.70 -15.39 12.87
C THR B 210 1.43 -15.98 14.25
N ASP B 211 1.59 -17.29 14.36
CA ASP B 211 1.38 -18.02 15.62
C ASP B 211 2.58 -17.89 16.56
N LYS B 212 3.73 -17.55 15.99
CA LYS B 212 4.96 -17.42 16.77
C LYS B 212 4.96 -16.09 17.52
N LYS B 213 4.88 -16.19 18.84
CA LYS B 213 4.77 -15.02 19.70
C LYS B 213 6.07 -14.71 20.46
N GLU B 214 7.00 -15.66 20.48
CA GLU B 214 8.27 -15.46 21.18
C GLU B 214 9.44 -15.75 20.24
N TYR B 215 10.41 -14.84 20.25
CA TYR B 215 11.53 -14.84 19.32
C TYR B 215 12.81 -14.70 20.11
N ALA B 216 13.80 -15.55 19.82
CA ALA B 216 15.17 -15.31 20.29
C ALA B 216 15.64 -14.02 19.61
N PRO B 217 16.53 -13.26 20.26
CA PRO B 217 17.01 -12.00 19.69
C PRO B 217 17.47 -12.11 18.23
N ALA B 218 18.26 -13.15 17.94
CA ALA B 218 18.76 -13.37 16.58
C ALA B 218 17.64 -13.68 15.57
N GLU B 219 16.52 -14.20 16.04
CA GLU B 219 15.38 -14.54 15.18
C GLU B 219 14.36 -13.43 15.04
N ASP B 220 14.51 -12.36 15.82
CA ASP B 220 13.55 -11.26 15.83
C ASP B 220 13.51 -10.70 14.39
N PRO B 221 12.34 -10.62 13.80
CA PRO B 221 12.29 -10.22 12.37
C PRO B 221 12.73 -8.76 12.11
N GLY B 222 12.61 -7.92 13.12
CA GLY B 222 13.09 -6.55 13.02
C GLY B 222 14.60 -6.52 13.02
N VAL B 223 15.18 -7.35 13.88
CA VAL B 223 16.64 -7.50 13.93
C VAL B 223 17.17 -8.04 12.59
N VAL B 224 16.48 -9.04 12.06
CA VAL B 224 16.88 -9.63 10.79
C VAL B 224 16.79 -8.56 9.69
N SER B 225 15.70 -7.80 9.68
CA SER B 225 15.53 -6.72 8.68
C SER B 225 16.71 -5.75 8.66
N VAL B 226 17.03 -5.22 9.84
CA VAL B 226 18.12 -4.22 9.94
C VAL B 226 19.48 -4.85 9.54
N SER B 227 19.71 -6.08 10.01
CA SER B 227 20.93 -6.82 9.71
C SER B 227 21.13 -6.98 8.19
N GLU B 228 20.07 -7.34 7.49
CA GLU B 228 20.13 -7.52 6.05
C GLU B 228 20.29 -6.18 5.33
N ILE B 229 19.62 -5.13 5.80
CA ILE B 229 19.85 -3.79 5.24
C ILE B 229 21.31 -3.33 5.44
N TYR B 230 21.85 -3.49 6.65
CA TYR B 230 23.24 -3.11 6.96
C TYR B 230 24.23 -3.79 6.02
N GLN B 231 24.09 -5.11 5.88
CA GLN B 231 24.92 -5.88 4.96
C GLN B 231 24.86 -5.35 3.54
N TYR B 232 23.65 -5.13 3.04
CA TYR B 232 23.49 -4.59 1.68
C TYR B 232 24.19 -3.22 1.50
N TYR B 233 24.03 -2.33 2.48
CA TYR B 233 24.58 -0.98 2.36
C TYR B 233 26.12 -1.01 2.34
N LYS B 234 26.69 -1.76 3.26
CA LYS B 234 28.14 -1.80 3.39
C LYS B 234 28.78 -2.56 2.22
N GLU B 235 28.14 -3.63 1.75
CA GLU B 235 28.69 -4.45 0.66
C GLU B 235 28.69 -3.72 -0.68
N HIS B 236 27.81 -2.73 -0.83
CA HIS B 236 27.80 -1.89 -2.03
C HIS B 236 28.42 -0.52 -1.85
N GLY B 237 29.08 -0.30 -0.72
CA GLY B 237 29.76 0.98 -0.49
C GLY B 237 28.83 2.18 -0.31
N TYR B 238 27.56 1.96 0.06
CA TYR B 238 26.68 3.09 0.33
C TYR B 238 27.07 3.79 1.63
N GLU B 239 27.03 5.12 1.62
CA GLU B 239 27.44 5.93 2.79
C GLU B 239 26.28 6.45 3.66
N THR B 240 25.06 6.10 3.29
CA THR B 240 23.87 6.44 4.06
C THR B 240 24.03 5.78 5.43
N VAL B 241 23.81 6.55 6.49
CA VAL B 241 23.88 6.07 7.88
C VAL B 241 22.69 5.15 8.13
N VAL B 242 22.97 3.98 8.70
CA VAL B 242 21.95 3.04 9.09
C VAL B 242 21.69 3.25 10.59
N MET B 243 20.46 3.66 10.95
CA MET B 243 20.08 3.90 12.32
C MET B 243 18.85 3.09 12.71
N GLY B 244 19.07 1.96 13.36
CA GLY B 244 17.94 1.22 13.93
C GLY B 244 17.11 2.08 14.86
N ALA B 245 15.79 1.88 14.79
CA ALA B 245 14.79 2.64 15.54
C ALA B 245 13.66 1.71 15.94
N SER B 246 12.87 2.14 16.93
CA SER B 246 11.71 1.39 17.44
C SER B 246 12.15 0.07 18.10
N PHE B 247 12.15 0.03 19.42
CA PHE B 247 12.56 -1.16 20.11
C PHE B 247 11.55 -1.55 21.14
N ARG B 248 11.36 -2.86 21.28
CA ARG B 248 10.51 -3.42 22.32
C ARG B 248 11.29 -3.96 23.50
N ASN B 249 12.58 -4.25 23.32
CA ASN B 249 13.38 -4.87 24.40
C ASN B 249 14.88 -4.73 24.13
N ILE B 250 15.68 -4.90 25.18
CA ILE B 250 17.14 -4.69 25.03
C ILE B 250 17.80 -5.80 24.22
N GLY B 251 17.17 -6.98 24.14
CA GLY B 251 17.69 -8.07 23.30
C GLY B 251 17.85 -7.65 21.85
N GLU B 252 16.86 -6.90 21.37
CA GLU B 252 16.90 -6.38 20.00
C GLU B 252 18.12 -5.44 19.80
N ILE B 253 18.29 -4.53 20.74
CA ILE B 253 19.32 -3.53 20.69
C ILE B 253 20.69 -4.21 20.67
N LEU B 254 20.91 -5.13 21.60
CA LEU B 254 22.25 -5.81 21.70
C LEU B 254 22.58 -6.64 20.45
N GLU B 255 21.57 -7.24 19.82
CA GLU B 255 21.77 -8.00 18.58
C GLU B 255 22.22 -7.13 17.42
N LEU B 256 22.08 -5.81 17.58
CA LEU B 256 22.43 -4.86 16.51
C LEU B 256 23.65 -4.00 16.88
N ALA B 257 24.39 -4.42 17.91
CA ALA B 257 25.63 -3.74 18.31
C ALA B 257 26.53 -3.70 17.11
N GLY B 258 26.98 -2.49 16.77
CA GLY B 258 27.76 -2.32 15.57
C GLY B 258 27.02 -1.56 14.51
N CYS B 259 25.70 -1.50 14.59
CA CYS B 259 24.94 -0.63 13.70
C CYS B 259 25.50 0.79 13.81
N ASP B 260 25.54 1.53 12.69
CA ASP B 260 26.17 2.84 12.69
C ASP B 260 25.66 3.68 13.91
N ARG B 261 24.34 3.79 14.00
CA ARG B 261 23.65 4.47 15.09
C ARG B 261 22.45 3.62 15.48
N LEU B 262 21.99 3.80 16.72
CA LEU B 262 20.72 3.24 17.20
C LEU B 262 20.01 4.29 18.02
N THR B 263 18.75 4.57 17.68
CA THR B 263 17.97 5.53 18.45
C THR B 263 17.08 4.80 19.41
N ILE B 264 17.23 5.15 20.67
CA ILE B 264 16.67 4.30 21.75
C ILE B 264 15.89 5.17 22.72
N ALA B 265 14.75 4.68 23.15
CA ALA B 265 13.90 5.40 24.10
C ALA B 265 14.49 5.38 25.53
N PRO B 266 14.25 6.43 26.32
CA PRO B 266 14.81 6.54 27.69
C PRO B 266 14.62 5.28 28.53
N THR B 267 13.44 4.65 28.46
CA THR B 267 13.18 3.40 29.21
C THR B 267 14.23 2.32 28.92
N LEU B 268 14.60 2.17 27.67
CA LEU B 268 15.58 1.14 27.29
C LEU B 268 17.01 1.60 27.49
N LEU B 269 17.25 2.91 27.36
CA LEU B 269 18.55 3.45 27.76
C LEU B 269 18.82 3.14 29.24
N LYS B 270 17.80 3.32 30.07
CA LYS B 270 17.90 3.01 31.51
C LYS B 270 18.20 1.53 31.75
N GLU B 271 17.50 0.64 31.07
CA GLU B 271 17.79 -0.80 31.20
C GLU B 271 19.19 -1.16 30.77
N LEU B 272 19.68 -0.60 29.67
CA LEU B 272 21.08 -0.86 29.27
C LEU B 272 22.09 -0.40 30.34
N ALA B 273 21.87 0.80 30.88
CA ALA B 273 22.79 1.42 31.84
C ALA B 273 22.80 0.65 33.13
N GLU B 274 21.69 -0.01 33.41
CA GLU B 274 21.51 -0.78 34.64
C GLU B 274 21.93 -2.24 34.52
N SER B 275 22.30 -2.67 33.31
CA SER B 275 22.67 -4.05 33.07
C SER B 275 24.18 -4.20 33.05
N GLU B 276 24.71 -5.03 33.92
CA GLU B 276 26.16 -5.21 34.01
C GLU B 276 26.61 -6.26 32.99
N GLY B 277 27.82 -6.11 32.49
CA GLY B 277 28.38 -7.08 31.56
C GLY B 277 28.75 -6.45 30.23
N ALA B 278 29.80 -6.97 29.63
CA ALA B 278 30.28 -6.50 28.35
C ALA B 278 29.54 -7.26 27.27
N ILE B 279 29.36 -6.61 26.13
CA ILE B 279 28.70 -7.25 24.99
C ILE B 279 29.68 -7.30 23.83
N GLU B 280 29.43 -8.20 22.88
CA GLU B 280 30.24 -8.25 21.66
C GLU B 280 29.56 -7.44 20.54
N ARG B 281 30.37 -7.03 19.58
CA ARG B 281 29.88 -6.46 18.37
C ARG B 281 29.21 -7.55 17.54
N LYS B 282 28.05 -7.28 16.93
CA LYS B 282 27.32 -8.27 16.11
C LYS B 282 27.30 -7.96 14.63
N LEU B 283 27.20 -6.68 14.29
CA LEU B 283 27.04 -6.24 12.92
C LEU B 283 28.37 -5.67 12.43
N SER B 284 28.96 -6.36 11.45
CA SER B 284 30.17 -5.91 10.78
C SER B 284 30.11 -6.36 9.31
N TYR B 285 30.83 -5.67 8.44
CA TYR B 285 31.06 -6.18 7.08
C TYR B 285 32.54 -6.06 6.71
N THR B 286 33.15 -7.17 6.30
CA THR B 286 34.61 -7.23 6.11
C THR B 286 35.07 -7.39 4.65
N GLY B 287 34.16 -7.75 3.76
CA GLY B 287 34.53 -8.13 2.39
C GLY B 287 34.71 -7.00 1.37
N GLU B 288 34.66 -7.40 0.09
CA GLU B 288 34.84 -6.49 -1.06
C GLU B 288 33.61 -5.61 -1.32
N VAL B 289 33.83 -4.45 -1.93
CA VAL B 289 32.71 -3.62 -2.40
C VAL B 289 32.20 -4.25 -3.69
N LYS B 290 30.90 -4.50 -3.75
CA LYS B 290 30.29 -5.17 -4.89
C LYS B 290 29.64 -4.17 -5.83
N ALA B 291 29.53 -4.54 -7.11
CA ALA B 291 28.94 -3.67 -8.13
C ALA B 291 27.47 -3.43 -7.83
N ARG B 292 27.03 -2.22 -8.11
CA ARG B 292 25.65 -1.82 -7.83
C ARG B 292 24.78 -2.19 -9.01
N PRO B 293 23.51 -2.48 -8.78
CA PRO B 293 22.60 -2.71 -9.88
C PRO B 293 22.17 -1.41 -10.51
N ALA B 294 21.42 -1.48 -11.60
CA ALA B 294 20.72 -0.33 -12.13
C ALA B 294 19.80 0.19 -11.03
N ARG B 295 19.45 1.46 -11.08
CA ARG B 295 18.55 2.01 -10.05
C ARG B 295 17.18 1.37 -10.17
N ILE B 296 16.57 1.02 -9.04
CA ILE B 296 15.19 0.55 -9.01
C ILE B 296 14.26 1.64 -9.51
N THR B 297 13.36 1.26 -10.43
CA THR B 297 12.37 2.15 -10.99
C THR B 297 11.19 2.25 -10.07
N GLU B 298 10.35 3.24 -10.28
CA GLU B 298 9.17 3.39 -9.43
C GLU B 298 8.31 2.13 -9.52
N SER B 299 8.05 1.63 -10.73
CA SER B 299 7.18 0.45 -10.88
C SER B 299 7.76 -0.78 -10.18
N GLU B 300 9.08 -0.98 -10.31
CA GLU B 300 9.78 -2.10 -9.62
C GLU B 300 9.71 -1.92 -8.13
N PHE B 301 9.92 -0.70 -7.65
CA PHE B 301 9.79 -0.41 -6.22
C PHE B 301 8.38 -0.78 -5.70
N LEU B 302 7.35 -0.30 -6.40
CA LEU B 302 5.98 -0.51 -5.92
C LEU B 302 5.70 -2.01 -5.89
N TRP B 303 6.14 -2.73 -6.92
CA TRP B 303 5.92 -4.15 -6.97
C TRP B 303 6.59 -4.79 -5.74
N GLN B 304 7.84 -4.44 -5.52
CA GLN B 304 8.64 -5.14 -4.50
C GLN B 304 8.24 -4.77 -3.10
N HIS B 305 7.89 -3.49 -2.87
CA HIS B 305 7.33 -3.11 -1.57
C HIS B 305 6.07 -3.90 -1.27
N ASN B 306 5.16 -3.99 -2.22
CA ASN B 306 3.90 -4.68 -2.00
C ASN B 306 3.97 -6.18 -1.98
N GLN B 307 5.12 -6.75 -2.33
CA GLN B 307 5.43 -8.16 -2.03
C GLN B 307 5.56 -8.47 -0.53
N ASP B 308 5.70 -7.45 0.30
CA ASP B 308 6.01 -7.55 1.74
C ASP B 308 4.77 -7.10 2.51
N PRO B 309 3.89 -8.05 2.92
CA PRO B 309 2.65 -7.62 3.57
C PRO B 309 2.85 -6.86 4.88
N MET B 310 3.94 -7.16 5.60
CA MET B 310 4.23 -6.41 6.82
C MET B 310 4.49 -4.95 6.50
N ALA B 311 5.36 -4.75 5.53
CA ALA B 311 5.78 -3.42 5.09
C ALA B 311 4.59 -2.62 4.55
N VAL B 312 3.75 -3.28 3.76
CA VAL B 312 2.53 -2.65 3.21
C VAL B 312 1.66 -2.05 4.35
N ASP B 313 1.29 -2.91 5.31
CA ASP B 313 0.50 -2.53 6.48
C ASP B 313 1.19 -1.42 7.31
N LYS B 314 2.45 -1.63 7.70
CA LYS B 314 3.10 -0.80 8.74
C LYS B 314 3.55 0.56 8.23
N LEU B 315 3.94 0.65 6.96
CA LEU B 315 4.19 1.98 6.36
C LEU B 315 2.91 2.81 6.36
N ALA B 316 1.81 2.27 5.82
CA ALA B 316 0.54 2.99 5.76
C ALA B 316 0.02 3.35 7.16
N GLU B 317 0.10 2.40 8.09
CA GLU B 317 -0.31 2.62 9.46
C GLU B 317 0.50 3.72 10.16
N GLY B 318 1.81 3.68 10.01
CA GLY B 318 2.68 4.63 10.66
C GLY B 318 2.35 6.04 10.24
N ILE B 319 2.09 6.20 8.96
CA ILE B 319 1.75 7.50 8.41
C ILE B 319 0.41 7.97 8.99
N ARG B 320 -0.62 7.10 9.03
CA ARG B 320 -1.90 7.44 9.62
C ARG B 320 -1.74 7.89 11.10
N LYS B 321 -0.99 7.12 11.88
CA LYS B 321 -0.78 7.44 13.28
C LYS B 321 -0.05 8.78 13.50
N PHE B 322 1.02 9.04 12.73
CA PHE B 322 1.73 10.32 12.82
C PHE B 322 0.87 11.52 12.37
N ALA B 323 0.00 11.31 11.39
CA ALA B 323 -0.93 12.34 10.98
C ALA B 323 -1.98 12.62 12.05
N ILE B 324 -2.48 11.58 12.72
CA ILE B 324 -3.42 11.77 13.83
C ILE B 324 -2.80 12.59 14.96
N ASP B 325 -1.56 12.29 15.30
CA ASP B 325 -0.88 13.07 16.32
C ASP B 325 -0.61 14.48 15.88
N GLN B 326 -0.39 14.70 14.59
CA GLN B 326 -0.28 16.09 14.09
C GLN B 326 -1.59 16.86 14.30
N GLU B 327 -2.68 16.18 14.02
CA GLU B 327 -4.01 16.77 14.21
C GLU B 327 -4.27 17.11 15.67
N LYS B 328 -3.87 16.22 16.56
CA LYS B 328 -4.06 16.46 17.99
C LYS B 328 -3.22 17.66 18.47
N LEU B 329 -2.01 17.77 17.93
CA LEU B 329 -1.18 18.97 18.13
C LEU B 329 -1.85 20.27 17.66
N GLU B 330 -2.46 20.23 16.50
CA GLU B 330 -3.19 21.39 15.95
C GLU B 330 -4.40 21.79 16.80
N LYS B 331 -5.06 20.79 17.37
CA LYS B 331 -6.20 21.04 18.26
C LYS B 331 -5.76 21.75 19.53
N MET B 332 -4.67 21.29 20.11
CA MET B 332 -4.13 21.92 21.32
C MET B 332 -3.75 23.38 21.09
N ILE B 333 -3.01 23.61 20.00
CA ILE B 333 -2.60 24.96 19.57
C ILE B 333 -3.80 25.83 19.22
N GLY B 334 -4.79 25.25 18.54
CA GLY B 334 -6.01 25.96 18.20
C GLY B 334 -6.78 26.42 19.41
N ASP B 335 -6.72 25.62 20.49
CA ASP B 335 -7.36 25.96 21.77
C ASP B 335 -6.70 27.12 22.50
N LEU B 336 -5.46 27.46 22.11
CA LEU B 336 -4.68 28.51 22.77
C LEU B 336 -4.64 29.83 22.00
N LEU B 337 -5.21 29.85 20.80
CA LEU B 337 -5.16 31.07 19.98
C LEU B 337 -6.22 32.07 20.43
S SO4 C . -13.02 -14.45 -3.67
O1 SO4 C . -13.19 -14.78 -5.07
O2 SO4 C . -12.61 -13.04 -3.68
O3 SO4 C . -12.06 -15.23 -2.87
O4 SO4 C . -14.32 -14.48 -3.00
S SO4 D . -22.21 -4.35 -22.77
O1 SO4 D . -21.53 -3.35 -23.66
O2 SO4 D . -22.74 -5.48 -23.63
O3 SO4 D . -21.23 -4.87 -21.78
O4 SO4 D . -23.31 -3.58 -22.11
S SO4 E . 26.68 13.94 11.63
O1 SO4 E . 26.94 14.91 10.50
O2 SO4 E . 25.30 13.44 11.63
O3 SO4 E . 27.60 12.81 11.41
O4 SO4 E . 26.92 14.66 12.90
S SO4 F . 7.34 2.57 18.38
O1 SO4 F . 6.09 1.80 18.15
O2 SO4 F . 8.08 2.65 17.11
O3 SO4 F . 8.18 1.85 19.32
O4 SO4 F . 7.07 3.95 18.82
#